data_7U9I
#
_entry.id   7U9I
#
_cell.length_a   74.269
_cell.length_b   98.197
_cell.length_c   206.795
_cell.angle_alpha   90.000
_cell.angle_beta   90.000
_cell.angle_gamma   90.000
#
_symmetry.space_group_name_H-M   'I 2 2 2'
#
loop_
_entity.id
_entity.type
_entity.pdbx_description
1 polymer 'Histone-arginine methyltransferase CARM1'
2 non-polymer 7-[5-S-(4-{[(4-ethylpyridin-3-yl)methyl]amino}butyl)-5-thio-beta-D-ribofuranosyl]-7H-pyrrolo[2,3-d]pyrimidin-4-amine
3 non-polymer 'UNKNOWN ATOM OR ION'
4 water water
#
_entity_poly.entity_id   1
_entity_poly.type   'polypeptide(L)'
_entity_poly.pdbx_seq_one_letter_code
;GAVQYFQFYGYLSQQQNMMQDYVRTGTYQRAILQNHTDFKDKIVLDVGCGSGILSFFAAQAGARKIYAVEASTMAQHAEV
LVKSNNLTDRIVVIPGKVEEVSLPEQVDIIISEPMGYMLFNERMLESYLHAKKYLKPSGNMFPTIGDVHLAPFTDEQLYM
EQFTKANFWYQPSFHGVDLSALRGAAVDEYFRQPVVDTFDIRILMAKSVKYTVNFLEAKEGDLHRIEIPFKFHMLHSGLV
HGLAFWFDVAFIGSIMTVWLSTAPTEPLTHWYQVRCLFQSPLFAKAGDTLSGTCLLIANKRQSYDISIVAQVDQTGSKSS
NLLDLKNPFFRYTGTTPSPPPGSHY
;
_entity_poly.pdbx_strand_id   A,B
#
# COMPACT_ATOMS: atom_id res chain seq x y z
N TYR A 5 3.13 7.04 6.56
CA TYR A 5 3.70 6.73 7.90
C TYR A 5 3.00 7.59 8.96
N PHE A 6 3.36 8.87 9.08
CA PHE A 6 2.63 9.89 9.89
C PHE A 6 1.28 10.23 9.22
N GLN A 7 1.00 9.63 8.05
CA GLN A 7 -0.35 9.51 7.42
C GLN A 7 -0.99 8.18 7.81
N PHE A 8 -0.34 7.04 7.49
CA PHE A 8 -0.84 5.64 7.61
C PHE A 8 -1.37 5.35 9.04
N TYR A 9 -0.54 5.63 10.06
CA TYR A 9 -0.90 5.54 11.49
C TYR A 9 -1.84 6.69 11.90
N GLY A 10 -2.06 7.65 11.00
CA GLY A 10 -2.96 8.78 11.23
C GLY A 10 -4.41 8.43 10.98
N TYR A 11 -4.73 7.22 10.51
CA TYR A 11 -6.11 6.73 10.22
C TYR A 11 -6.65 5.98 11.45
N LEU A 12 -7.88 6.31 11.87
CA LEU A 12 -8.58 5.62 12.97
C LEU A 12 -8.78 4.15 12.60
N SER A 13 -9.05 3.84 11.32
CA SER A 13 -9.17 2.44 10.82
C SER A 13 -7.89 1.65 11.13
N GLN A 14 -6.72 2.24 10.87
CA GLN A 14 -5.43 1.57 11.18
C GLN A 14 -5.31 1.38 12.71
N GLN A 15 -5.63 2.40 13.51
CA GLN A 15 -5.59 2.31 15.00
C GLN A 15 -6.53 1.19 15.45
N GLN A 16 -7.73 1.10 14.90
CA GLN A 16 -8.72 0.03 15.20
C GLN A 16 -8.14 -1.33 14.81
N ASN A 17 -7.53 -1.42 13.63
CA ASN A 17 -6.92 -2.68 13.17
C ASN A 17 -5.94 -3.19 14.22
N MET A 18 -5.10 -2.30 14.73
CA MET A 18 -4.01 -2.73 15.65
C MET A 18 -4.61 -3.05 17.02
N MET A 19 -5.50 -2.19 17.51
CA MET A 19 -6.12 -2.35 18.84
C MET A 19 -6.87 -3.69 18.87
N GLN A 20 -7.44 -4.08 17.73
CA GLN A 20 -8.29 -5.29 17.56
C GLN A 20 -7.43 -6.56 17.60
N ASP A 21 -6.11 -6.51 17.36
CA ASP A 21 -5.20 -7.65 17.61
C ASP A 21 -5.19 -7.86 19.14
N TYR A 22 -5.91 -8.89 19.63
CA TYR A 22 -6.17 -9.09 21.08
C TYR A 22 -4.90 -9.54 21.80
N VAL A 23 -4.10 -10.37 21.14
CA VAL A 23 -2.79 -10.86 21.61
C VAL A 23 -1.88 -9.63 21.81
N ARG A 24 -1.86 -8.71 20.86
CA ARG A 24 -1.03 -7.47 20.95
C ARG A 24 -1.52 -6.63 22.13
N THR A 25 -2.78 -6.19 22.07
CA THR A 25 -3.37 -5.24 23.05
C THR A 25 -3.44 -5.89 24.45
N GLY A 26 -3.87 -7.15 24.53
CA GLY A 26 -4.02 -7.89 25.80
C GLY A 26 -2.72 -8.17 26.48
N THR A 27 -1.69 -8.53 25.72
CA THR A 27 -0.34 -8.79 26.26
C THR A 27 0.21 -7.48 26.81
N TYR A 28 0.05 -6.39 26.07
CA TYR A 28 0.51 -5.06 26.54
C TYR A 28 -0.19 -4.74 27.85
N GLN A 29 -1.51 -4.88 27.89
CA GLN A 29 -2.21 -4.55 29.16
C GLN A 29 -1.71 -5.46 30.28
N ARG A 30 -1.51 -6.76 30.05
CA ARG A 30 -1.09 -7.74 31.09
C ARG A 30 0.30 -7.37 31.61
N ALA A 31 1.26 -7.07 30.71
CA ALA A 31 2.63 -6.63 31.03
C ALA A 31 2.62 -5.44 32.00
N ILE A 32 1.76 -4.46 31.72
CA ILE A 32 1.70 -3.17 32.47
C ILE A 32 0.96 -3.38 33.80
N LEU A 33 -0.26 -3.93 33.77
CA LEU A 33 -1.08 -4.08 34.99
C LEU A 33 -0.45 -5.09 35.95
N GLN A 34 0.07 -6.22 35.48
CA GLN A 34 0.70 -7.20 36.40
C GLN A 34 2.04 -6.66 36.94
N ASN A 35 2.58 -5.59 36.35
CA ASN A 35 3.80 -4.88 36.82
C ASN A 35 3.42 -3.47 37.33
N HIS A 36 2.26 -3.35 37.98
CA HIS A 36 1.71 -2.01 38.34
C HIS A 36 2.73 -1.22 39.18
N THR A 37 3.52 -1.87 40.05
CA THR A 37 4.54 -1.22 40.93
C THR A 37 5.60 -0.52 40.07
N ASP A 38 5.85 -0.97 38.83
CA ASP A 38 6.74 -0.26 37.90
C ASP A 38 6.06 0.99 37.36
N PHE A 39 4.76 1.21 37.65
CA PHE A 39 4.01 2.39 37.11
C PHE A 39 3.48 3.26 38.25
N LYS A 40 3.10 2.67 39.37
CA LYS A 40 2.36 3.37 40.47
C LYS A 40 3.17 4.61 40.87
N ASP A 41 2.58 5.79 40.80
CA ASP A 41 3.14 7.09 41.26
C ASP A 41 4.41 7.40 40.47
N LYS A 42 4.61 6.79 39.30
CA LYS A 42 5.80 7.00 38.47
C LYS A 42 5.51 7.96 37.33
N ILE A 43 6.59 8.42 36.69
CA ILE A 43 6.56 9.23 35.46
C ILE A 43 6.83 8.28 34.29
N VAL A 44 6.00 8.34 33.25
CA VAL A 44 6.02 7.42 32.08
C VAL A 44 6.15 8.27 30.83
N LEU A 45 6.91 7.78 29.84
CA LEU A 45 6.91 8.25 28.44
C LEU A 45 6.36 7.15 27.53
N ASP A 46 5.36 7.46 26.70
CA ASP A 46 4.78 6.55 25.69
C ASP A 46 5.24 7.07 24.34
N VAL A 47 6.15 6.35 23.67
CA VAL A 47 6.75 6.82 22.40
C VAL A 47 5.86 6.35 21.23
N GLY A 48 5.33 7.31 20.47
CA GLY A 48 4.45 7.05 19.33
C GLY A 48 3.16 6.43 19.79
N CYS A 49 2.39 7.18 20.59
CA CYS A 49 1.27 6.65 21.41
C CYS A 49 0.04 6.33 20.54
N GLY A 50 0.01 6.79 19.30
CA GLY A 50 -1.20 6.68 18.45
C GLY A 50 -2.44 7.16 19.20
N SER A 51 -3.47 6.31 19.29
CA SER A 51 -4.79 6.60 19.93
C SER A 51 -4.61 6.84 21.44
N GLY A 52 -3.48 6.38 22.01
CA GLY A 52 -3.14 6.58 23.42
C GLY A 52 -3.31 5.35 24.30
N ILE A 53 -3.69 4.20 23.74
CA ILE A 53 -4.06 2.99 24.55
C ILE A 53 -2.97 2.61 25.59
N LEU A 54 -1.68 2.61 25.29
CA LEU A 54 -0.71 2.16 26.34
C LEU A 54 -0.64 3.21 27.45
N SER A 55 -0.87 4.49 27.14
CA SER A 55 -0.88 5.58 28.16
C SER A 55 -2.05 5.34 29.13
N PHE A 56 -3.21 4.92 28.60
CA PHE A 56 -4.37 4.54 29.44
C PHE A 56 -4.00 3.37 30.34
N PHE A 57 -3.27 2.37 29.87
CA PHE A 57 -2.94 1.19 30.72
C PHE A 57 -2.06 1.67 31.89
N ALA A 58 -1.12 2.55 31.57
CA ALA A 58 -0.14 3.13 32.52
C ALA A 58 -0.91 3.92 33.59
N ALA A 59 -1.95 4.65 33.17
CA ALA A 59 -2.86 5.42 34.04
C ALA A 59 -3.64 4.44 34.93
N GLN A 60 -4.13 3.34 34.36
CA GLN A 60 -4.83 2.27 35.13
C GLN A 60 -3.89 1.68 36.20
N ALA A 61 -2.60 1.51 35.88
CA ALA A 61 -1.58 0.98 36.80
C ALA A 61 -1.21 2.01 37.88
N GLY A 62 -1.71 3.26 37.81
CA GLY A 62 -1.54 4.31 38.82
C GLY A 62 -0.35 5.24 38.56
N ALA A 63 0.06 5.42 37.30
CA ALA A 63 1.14 6.37 36.92
C ALA A 63 0.77 7.78 37.39
N ARG A 64 1.71 8.52 37.96
CA ARG A 64 1.47 9.91 38.41
C ARG A 64 1.32 10.79 37.17
N LYS A 65 2.15 10.57 36.18
CA LYS A 65 2.18 11.42 34.97
C LYS A 65 2.71 10.60 33.80
N ILE A 66 2.05 10.73 32.64
CA ILE A 66 2.37 10.00 31.39
C ILE A 66 2.47 11.01 30.27
N TYR A 67 3.65 11.19 29.68
CA TYR A 67 3.84 11.98 28.44
C TYR A 67 3.63 11.05 27.25
N ALA A 68 2.60 11.31 26.47
CA ALA A 68 2.24 10.52 25.29
C ALA A 68 2.66 11.30 24.05
N VAL A 69 3.74 10.89 23.40
CA VAL A 69 4.30 11.62 22.23
C VAL A 69 3.86 10.94 20.95
N GLU A 70 3.37 11.74 20.00
CA GLU A 70 2.87 11.24 18.69
C GLU A 70 3.10 12.29 17.61
N ALA A 71 3.69 11.86 16.49
CA ALA A 71 4.11 12.70 15.35
C ALA A 71 2.93 12.88 14.40
N SER A 72 2.00 11.93 14.31
CA SER A 72 0.89 11.98 13.31
C SER A 72 -0.23 12.86 13.85
N THR A 73 -1.25 13.13 13.03
CA THR A 73 -2.46 13.88 13.44
C THR A 73 -3.26 13.06 14.47
N MET A 74 -2.96 11.77 14.63
CA MET A 74 -3.62 10.91 15.66
C MET A 74 -3.47 11.54 17.05
N ALA A 75 -2.51 12.44 17.26
CA ALA A 75 -2.27 13.10 18.55
C ALA A 75 -3.56 13.80 19.03
N GLN A 76 -4.27 14.46 18.11
CA GLN A 76 -5.53 15.22 18.42
C GLN A 76 -6.62 14.22 18.88
N HIS A 77 -6.72 13.04 18.29
CA HIS A 77 -7.73 12.05 18.70
C HIS A 77 -7.37 11.49 20.07
N ALA A 78 -6.09 11.26 20.32
CA ALA A 78 -5.65 10.80 21.65
C ALA A 78 -6.09 11.85 22.68
N GLU A 79 -5.91 13.14 22.41
CA GLU A 79 -6.28 14.22 23.39
C GLU A 79 -7.79 14.19 23.63
N VAL A 80 -8.59 13.93 22.60
CA VAL A 80 -10.08 13.78 22.78
C VAL A 80 -10.36 12.65 23.78
N LEU A 81 -9.73 11.49 23.63
CA LEU A 81 -9.96 10.34 24.55
C LEU A 81 -9.48 10.67 25.96
N VAL A 82 -8.36 11.40 26.11
CA VAL A 82 -7.85 11.76 27.46
C VAL A 82 -8.92 12.65 28.17
N LYS A 83 -9.52 13.62 27.47
CA LYS A 83 -10.57 14.49 28.08
C LYS A 83 -11.82 13.67 28.37
N SER A 84 -12.29 12.86 27.44
CA SER A 84 -13.55 12.06 27.55
C SER A 84 -13.40 10.98 28.63
N ASN A 85 -12.18 10.51 28.91
CA ASN A 85 -11.89 9.56 30.02
C ASN A 85 -11.44 10.27 31.32
N ASN A 86 -11.56 11.60 31.39
CA ASN A 86 -11.32 12.40 32.62
C ASN A 86 -9.91 12.08 33.18
N LEU A 87 -8.89 12.06 32.34
CA LEU A 87 -7.49 11.74 32.78
C LEU A 87 -6.58 12.89 32.39
N THR A 88 -7.13 14.09 32.26
CA THR A 88 -6.41 15.33 31.88
C THR A 88 -5.32 15.64 32.91
N ASP A 89 -5.50 15.19 34.15
CA ASP A 89 -4.55 15.40 35.28
C ASP A 89 -3.42 14.36 35.29
N ARG A 90 -3.37 13.44 34.32
CA ARG A 90 -2.49 12.23 34.37
C ARG A 90 -1.79 12.04 33.02
N ILE A 91 -2.51 12.17 31.90
CA ILE A 91 -1.94 11.91 30.55
C ILE A 91 -1.84 13.24 29.83
N VAL A 92 -0.65 13.53 29.32
CA VAL A 92 -0.31 14.77 28.58
C VAL A 92 0.17 14.33 27.20
N VAL A 93 -0.67 14.57 26.17
CA VAL A 93 -0.31 14.34 24.76
C VAL A 93 0.67 15.42 24.35
N ILE A 94 1.80 15.03 23.77
CA ILE A 94 2.83 15.97 23.24
C ILE A 94 2.94 15.70 21.75
N PRO A 95 2.33 16.55 20.89
CA PRO A 95 2.35 16.35 19.45
C PRO A 95 3.79 16.53 18.94
N GLY A 96 4.22 15.65 18.04
CA GLY A 96 5.51 15.78 17.33
C GLY A 96 6.42 14.58 17.51
N LYS A 97 7.64 14.69 16.97
CA LYS A 97 8.67 13.62 16.98
C LYS A 97 9.30 13.57 18.37
N VAL A 98 9.55 12.37 18.90
CA VAL A 98 10.18 12.23 20.24
C VAL A 98 11.59 12.84 20.17
N GLU A 99 12.19 12.95 18.97
CA GLU A 99 13.55 13.54 18.76
C GLU A 99 13.54 15.04 19.04
N GLU A 100 12.43 15.74 18.77
CA GLU A 100 12.35 17.22 18.65
C GLU A 100 11.53 17.88 19.77
N VAL A 101 10.87 17.13 20.66
CA VAL A 101 9.99 17.74 21.70
C VAL A 101 10.84 17.96 22.96
N SER A 102 10.36 18.80 23.87
CA SER A 102 10.87 18.95 25.25
C SER A 102 9.84 18.35 26.22
N LEU A 103 10.30 17.50 27.14
CA LEU A 103 9.49 17.01 28.27
C LEU A 103 9.93 17.77 29.52
N PRO A 104 9.00 18.16 30.40
CA PRO A 104 9.35 18.88 31.63
C PRO A 104 10.31 18.17 32.59
N GLU A 105 10.49 16.85 32.47
CA GLU A 105 11.21 16.03 33.48
C GLU A 105 11.66 14.69 32.85
N GLN A 106 12.53 13.99 33.57
CA GLN A 106 13.00 12.63 33.23
C GLN A 106 11.93 11.62 33.66
N VAL A 107 11.91 10.46 33.04
CA VAL A 107 10.87 9.42 33.29
C VAL A 107 11.48 8.22 33.98
N ASP A 108 10.64 7.51 34.74
CA ASP A 108 10.93 6.23 35.41
C ASP A 108 10.86 5.09 34.41
N ILE A 109 10.08 5.23 33.34
CA ILE A 109 9.79 4.08 32.43
C ILE A 109 9.33 4.62 31.09
N ILE A 110 9.83 4.01 30.02
CA ILE A 110 9.38 4.28 28.63
C ILE A 110 8.54 3.08 28.17
N ILE A 111 7.45 3.38 27.45
CA ILE A 111 6.57 2.34 26.85
C ILE A 111 6.40 2.68 25.38
N SER A 112 6.31 1.65 24.56
CA SER A 112 6.10 1.81 23.11
C SER A 112 5.67 0.47 22.55
N GLU A 113 5.02 0.52 21.40
CA GLU A 113 4.87 -0.64 20.48
C GLU A 113 5.51 -0.20 19.17
N PRO A 114 6.86 -0.32 19.10
CA PRO A 114 7.61 0.05 17.91
C PRO A 114 8.04 -1.10 16.98
N MET A 115 7.49 -2.30 17.14
CA MET A 115 7.98 -3.52 16.45
C MET A 115 7.33 -3.61 15.06
N GLY A 116 8.14 -3.75 14.01
CA GLY A 116 7.64 -4.03 12.65
C GLY A 116 7.76 -5.50 12.33
N TYR A 117 7.44 -5.88 11.09
CA TYR A 117 7.76 -7.20 10.52
C TYR A 117 9.23 -7.56 10.83
N MET A 118 9.52 -8.81 11.23
CA MET A 118 10.91 -9.21 11.52
C MET A 118 11.49 -8.28 12.60
N LEU A 119 10.62 -7.73 13.45
CA LEU A 119 10.93 -6.80 14.56
C LEU A 119 11.39 -5.42 14.04
N PHE A 120 12.36 -5.37 13.11
CA PHE A 120 13.11 -4.12 12.79
C PHE A 120 12.43 -3.25 11.72
N ASN A 121 11.54 -3.80 10.91
CA ASN A 121 10.88 -3.05 9.81
C ASN A 121 10.25 -1.78 10.35
N GLU A 122 10.36 -0.68 9.59
CA GLU A 122 9.81 0.69 9.81
C GLU A 122 10.79 1.52 10.65
N ARG A 123 11.78 0.88 11.26
CA ARG A 123 12.92 1.54 11.96
C ARG A 123 12.42 2.39 13.14
N MET A 124 11.29 2.06 13.77
CA MET A 124 10.78 2.85 14.93
C MET A 124 11.58 2.52 16.21
N LEU A 125 12.27 1.39 16.28
CA LEU A 125 13.12 1.08 17.48
C LEU A 125 14.20 2.16 17.71
N GLU A 126 14.66 2.84 16.66
CA GLU A 126 15.64 3.95 16.72
C GLU A 126 15.05 5.10 17.56
N SER A 127 13.77 5.43 17.33
CA SER A 127 13.05 6.50 18.08
C SER A 127 12.85 6.03 19.52
N TYR A 128 12.54 4.74 19.73
CA TYR A 128 12.33 4.18 21.09
C TYR A 128 13.63 4.31 21.90
N LEU A 129 14.75 3.95 21.28
CA LEU A 129 16.11 3.99 21.90
C LEU A 129 16.53 5.47 22.09
N HIS A 130 16.35 6.32 21.08
CA HIS A 130 16.52 7.79 21.18
C HIS A 130 15.89 8.33 22.46
N ALA A 131 14.62 7.95 22.72
CA ALA A 131 13.81 8.42 23.87
C ALA A 131 14.53 8.22 25.20
N LYS A 132 15.54 7.35 25.26
CA LYS A 132 16.27 7.08 26.54
C LYS A 132 17.04 8.32 27.03
N LYS A 133 17.23 9.35 26.21
CA LYS A 133 17.79 10.62 26.72
C LYS A 133 16.93 11.09 27.90
N TYR A 134 15.64 10.69 27.97
CA TYR A 134 14.70 11.13 29.01
C TYR A 134 14.67 10.16 30.18
N LEU A 135 15.34 9.01 30.11
CA LEU A 135 15.17 7.92 31.09
C LEU A 135 16.08 8.19 32.29
N LYS A 136 15.54 8.08 33.50
CA LYS A 136 16.36 8.21 34.74
C LYS A 136 17.31 7.01 34.81
N PRO A 137 18.55 7.16 35.30
CA PRO A 137 19.36 6.00 35.66
C PRO A 137 18.47 5.04 36.47
N SER A 138 18.51 3.74 36.20
CA SER A 138 17.62 2.75 36.86
C SER A 138 16.16 2.96 36.42
N GLY A 139 15.98 3.57 35.25
CA GLY A 139 14.70 3.61 34.52
C GLY A 139 14.53 2.33 33.72
N ASN A 140 13.30 1.99 33.35
CA ASN A 140 12.99 0.70 32.70
C ASN A 140 12.45 1.01 31.31
N MET A 141 12.44 -0.01 30.46
N MET A 141 12.34 -0.03 30.49
CA MET A 141 11.88 0.01 29.08
CA MET A 141 11.81 0.04 29.11
C MET A 141 10.87 -1.14 28.99
C MET A 141 10.90 -1.16 28.87
N PHE A 142 9.68 -0.88 28.43
CA PHE A 142 8.61 -1.87 28.21
C PHE A 142 8.17 -1.71 26.75
N PRO A 143 8.60 -2.58 25.80
CA PRO A 143 9.37 -3.79 26.09
C PRO A 143 10.85 -3.59 26.44
N THR A 144 11.45 -4.58 27.11
CA THR A 144 12.84 -4.51 27.61
C THR A 144 13.83 -5.15 26.62
N ILE A 145 13.49 -6.31 26.06
CA ILE A 145 14.37 -7.00 25.08
C ILE A 145 13.53 -7.49 23.91
N GLY A 146 14.18 -7.64 22.77
CA GLY A 146 13.60 -8.31 21.60
C GLY A 146 14.48 -9.47 21.15
N ASP A 147 13.90 -10.66 21.07
CA ASP A 147 14.55 -11.90 20.57
C ASP A 147 14.07 -12.13 19.15
N VAL A 148 14.97 -11.99 18.18
CA VAL A 148 14.72 -12.41 16.78
C VAL A 148 15.10 -13.89 16.69
N HIS A 149 14.18 -14.69 16.16
CA HIS A 149 14.36 -16.14 15.92
C HIS A 149 14.49 -16.33 14.42
N LEU A 150 15.51 -17.09 13.99
CA LEU A 150 15.56 -17.58 12.60
C LEU A 150 15.69 -19.11 12.63
N ALA A 151 15.07 -19.78 11.67
CA ALA A 151 15.18 -21.25 11.45
C ALA A 151 15.11 -21.49 9.96
N PRO A 152 15.91 -22.43 9.40
CA PRO A 152 15.78 -22.81 8.01
C PRO A 152 14.48 -23.58 7.83
N PHE A 153 13.87 -23.40 6.65
CA PHE A 153 12.62 -24.08 6.29
C PHE A 153 12.75 -24.70 4.90
N THR A 154 11.85 -25.64 4.64
CA THR A 154 11.61 -26.28 3.33
C THR A 154 10.18 -25.91 2.90
N ASP A 155 9.98 -25.50 1.65
CA ASP A 155 8.64 -25.18 1.07
C ASP A 155 8.77 -25.08 -0.46
N GLU A 156 8.50 -26.19 -1.15
CA GLU A 156 8.65 -26.28 -2.62
C GLU A 156 7.52 -25.47 -3.29
N GLN A 157 6.29 -25.59 -2.80
CA GLN A 157 5.14 -24.76 -3.27
C GLN A 157 5.54 -23.27 -3.29
N LEU A 158 6.14 -22.75 -2.21
CA LEU A 158 6.44 -21.30 -2.09
C LEU A 158 7.50 -20.93 -3.12
N TYR A 159 8.63 -21.63 -3.11
CA TYR A 159 9.73 -21.47 -4.11
C TYR A 159 9.15 -21.36 -5.54
N MET A 160 8.26 -22.28 -5.93
CA MET A 160 7.77 -22.40 -7.34
C MET A 160 6.74 -21.32 -7.67
N GLU A 161 5.89 -20.95 -6.71
CA GLU A 161 4.93 -19.81 -6.83
C GLU A 161 5.69 -18.59 -7.36
N GLN A 162 6.93 -18.38 -6.90
CA GLN A 162 7.78 -17.18 -7.17
C GLN A 162 8.56 -17.37 -8.47
N PHE A 163 8.97 -18.59 -8.81
CA PHE A 163 9.56 -18.86 -10.15
C PHE A 163 8.44 -18.84 -11.19
N THR A 164 7.21 -19.27 -10.83
CA THR A 164 6.03 -19.17 -11.72
C THR A 164 5.90 -17.69 -12.15
N LYS A 165 6.17 -16.76 -11.23
CA LYS A 165 6.03 -15.29 -11.49
C LYS A 165 7.18 -14.77 -12.36
N ALA A 166 8.44 -15.06 -12.02
CA ALA A 166 9.63 -14.49 -12.70
C ALA A 166 9.75 -15.01 -14.14
N ASN A 167 9.30 -16.24 -14.40
CA ASN A 167 9.47 -16.91 -15.71
C ASN A 167 8.56 -16.23 -16.74
N PHE A 168 7.62 -15.38 -16.32
CA PHE A 168 6.93 -14.45 -17.25
C PHE A 168 7.98 -13.73 -18.13
N TRP A 169 9.10 -13.36 -17.51
CA TRP A 169 10.15 -12.53 -18.16
C TRP A 169 11.11 -13.37 -19.02
N TYR A 170 10.89 -14.69 -19.14
CA TYR A 170 11.69 -15.58 -20.03
C TYR A 170 11.13 -15.56 -21.46
N GLN A 171 9.89 -15.11 -21.66
CA GLN A 171 9.16 -15.18 -22.96
C GLN A 171 9.90 -14.42 -24.05
N PRO A 172 10.23 -15.09 -25.18
CA PRO A 172 10.91 -14.42 -26.29
C PRO A 172 9.93 -13.74 -27.27
N SER A 173 8.62 -13.89 -27.09
CA SER A 173 7.61 -13.22 -27.96
C SER A 173 6.29 -13.01 -27.21
N PHE A 174 6.30 -12.14 -26.20
CA PHE A 174 5.08 -11.68 -25.48
C PHE A 174 4.42 -10.59 -26.33
N HIS A 175 3.26 -10.89 -26.92
CA HIS A 175 2.62 -10.04 -27.97
C HIS A 175 3.66 -9.56 -28.96
N GLY A 176 4.53 -10.47 -29.45
CA GLY A 176 5.60 -10.16 -30.43
C GLY A 176 6.85 -9.57 -29.81
N VAL A 177 6.93 -9.38 -28.49
CA VAL A 177 8.10 -8.69 -27.86
C VAL A 177 8.94 -9.69 -27.07
N ASP A 178 10.27 -9.58 -27.18
CA ASP A 178 11.25 -10.44 -26.47
C ASP A 178 11.53 -9.80 -25.11
N LEU A 179 11.07 -10.46 -24.04
CA LEU A 179 11.25 -10.02 -22.63
C LEU A 179 12.51 -10.64 -22.01
N SER A 180 13.11 -11.69 -22.62
CA SER A 180 14.09 -12.61 -21.95
C SER A 180 15.29 -11.84 -21.38
N ALA A 181 15.67 -10.73 -21.96
CA ALA A 181 16.83 -9.95 -21.49
C ALA A 181 16.62 -9.50 -20.02
N LEU A 182 15.36 -9.47 -19.55
CA LEU A 182 14.99 -8.95 -18.22
C LEU A 182 14.79 -10.09 -17.22
N ARG A 183 14.91 -11.35 -17.67
CA ARG A 183 14.72 -12.56 -16.83
C ARG A 183 15.50 -12.39 -15.52
N GLY A 184 16.80 -12.10 -15.62
CA GLY A 184 17.71 -11.96 -14.47
C GLY A 184 17.22 -10.89 -13.50
N ALA A 185 16.84 -9.72 -14.01
CA ALA A 185 16.37 -8.59 -13.18
C ALA A 185 15.07 -8.97 -12.47
N ALA A 186 14.15 -9.71 -13.13
CA ALA A 186 12.85 -10.15 -12.58
C ALA A 186 13.04 -11.17 -11.45
N VAL A 187 13.81 -12.23 -11.70
CA VAL A 187 14.15 -13.26 -10.67
C VAL A 187 14.67 -12.54 -9.43
N ASP A 188 15.67 -11.66 -9.57
CA ASP A 188 16.28 -10.93 -8.42
C ASP A 188 15.21 -10.09 -7.69
N GLU A 189 14.32 -9.43 -8.44
CA GLU A 189 13.29 -8.55 -7.80
C GLU A 189 12.35 -9.43 -6.98
N TYR A 190 11.82 -10.49 -7.57
CA TYR A 190 10.81 -11.39 -6.93
C TYR A 190 11.44 -12.04 -5.70
N PHE A 191 12.69 -12.51 -5.80
CA PHE A 191 13.37 -13.24 -4.69
C PHE A 191 13.89 -12.22 -3.66
N ARG A 192 13.91 -10.92 -3.96
CA ARG A 192 14.21 -9.86 -2.95
C ARG A 192 13.01 -9.68 -2.00
N GLN A 193 11.82 -10.15 -2.36
CA GLN A 193 10.59 -9.93 -1.56
C GLN A 193 10.56 -10.89 -0.38
N PRO A 194 10.61 -10.38 0.87
CA PRO A 194 10.30 -11.19 2.04
C PRO A 194 8.81 -11.58 1.98
N VAL A 195 8.55 -12.84 2.30
CA VAL A 195 7.20 -13.48 2.26
C VAL A 195 6.59 -13.35 3.65
N VAL A 196 5.51 -12.57 3.77
CA VAL A 196 4.80 -12.32 5.05
C VAL A 196 3.55 -13.21 5.04
N ASP A 197 3.59 -14.29 5.82
CA ASP A 197 2.44 -15.22 6.03
C ASP A 197 2.81 -16.13 7.19
N THR A 198 1.94 -17.09 7.52
CA THR A 198 2.22 -18.11 8.53
C THR A 198 2.48 -19.41 7.79
N PHE A 199 2.77 -20.46 8.54
CA PHE A 199 3.16 -21.79 8.01
C PHE A 199 3.08 -22.78 9.16
N ASP A 200 3.00 -24.06 8.83
CA ASP A 200 3.08 -25.20 9.77
C ASP A 200 4.51 -25.28 10.28
N ILE A 201 4.69 -25.51 11.58
CA ILE A 201 6.03 -25.63 12.21
C ILE A 201 6.82 -26.84 11.64
N ARG A 202 6.17 -27.80 10.99
CA ARG A 202 6.83 -29.01 10.42
C ARG A 202 7.64 -28.67 9.17
N ILE A 203 7.55 -27.45 8.61
CA ILE A 203 8.43 -27.01 7.49
C ILE A 203 9.81 -26.60 8.03
N LEU A 204 9.99 -26.48 9.34
CA LEU A 204 11.28 -26.03 9.94
C LEU A 204 12.22 -27.24 10.05
N MET A 205 13.47 -27.09 9.62
CA MET A 205 14.43 -28.21 9.52
C MET A 205 15.48 -28.13 10.62
N ALA A 206 15.41 -27.14 11.50
CA ALA A 206 16.31 -27.04 12.67
C ALA A 206 15.66 -26.16 13.73
N LYS A 207 16.13 -26.30 14.97
CA LYS A 207 15.81 -25.44 16.12
C LYS A 207 16.33 -24.02 15.82
N SER A 208 15.50 -23.02 16.13
CA SER A 208 15.76 -21.60 15.80
C SER A 208 17.05 -21.12 16.50
N VAL A 209 17.76 -20.20 15.85
CA VAL A 209 18.84 -19.38 16.49
C VAL A 209 18.18 -18.07 16.97
N LYS A 210 18.55 -17.62 18.16
CA LYS A 210 17.98 -16.44 18.84
C LYS A 210 19.03 -15.34 18.86
N TYR A 211 18.68 -14.16 18.35
CA TYR A 211 19.48 -12.92 18.46
C TYR A 211 18.74 -11.93 19.36
N THR A 212 19.38 -11.46 20.43
CA THR A 212 18.75 -10.65 21.49
C THR A 212 19.23 -9.20 21.41
N VAL A 213 18.30 -8.26 21.20
CA VAL A 213 18.56 -6.80 21.36
C VAL A 213 18.04 -6.39 22.74
N ASN A 214 18.92 -5.90 23.61
CA ASN A 214 18.57 -5.41 24.96
C ASN A 214 18.33 -3.90 24.82
N PHE A 215 17.07 -3.47 24.92
CA PHE A 215 16.67 -2.07 24.65
C PHE A 215 17.13 -1.21 25.82
N LEU A 216 17.37 -1.80 26.98
CA LEU A 216 17.97 -1.08 28.14
C LEU A 216 19.40 -0.62 27.82
N GLU A 217 20.14 -1.37 27.01
CA GLU A 217 21.59 -1.16 26.80
C GLU A 217 21.83 -0.62 25.39
N ALA A 218 21.09 -1.09 24.38
CA ALA A 218 21.36 -0.70 22.98
C ALA A 218 21.27 0.83 22.85
N LYS A 219 22.08 1.36 21.93
CA LYS A 219 22.09 2.78 21.51
C LYS A 219 21.41 2.86 20.15
N GLU A 220 20.79 4.00 19.87
CA GLU A 220 20.10 4.25 18.58
C GLU A 220 20.96 3.78 17.41
N GLY A 221 22.22 4.19 17.39
CA GLY A 221 23.15 3.92 16.28
C GLY A 221 23.41 2.43 16.09
N ASP A 222 23.25 1.61 17.13
CA ASP A 222 23.47 0.15 17.09
C ASP A 222 22.56 -0.52 16.06
N LEU A 223 21.45 0.13 15.68
CA LEU A 223 20.43 -0.51 14.80
C LEU A 223 20.67 -0.14 13.34
N HIS A 224 21.69 0.68 13.02
CA HIS A 224 22.04 1.04 11.63
C HIS A 224 22.60 -0.21 10.89
N ARG A 225 23.35 -1.04 11.62
N ARG A 225 23.34 -1.03 11.63
CA ARG A 225 23.95 -2.27 11.07
CA ARG A 225 23.99 -2.27 11.11
C ARG A 225 23.77 -3.39 12.10
C ARG A 225 23.76 -3.39 12.13
N ILE A 226 23.03 -4.43 11.73
CA ILE A 226 22.69 -5.57 12.63
C ILE A 226 23.21 -6.86 11.99
N GLU A 227 24.20 -7.46 12.63
CA GLU A 227 24.86 -8.66 12.10
C GLU A 227 24.40 -9.84 12.94
N ILE A 228 23.68 -10.76 12.30
CA ILE A 228 23.16 -11.97 12.99
C ILE A 228 23.90 -13.19 12.45
N PRO A 229 24.91 -13.68 13.20
CA PRO A 229 25.57 -14.93 12.87
C PRO A 229 24.59 -16.07 13.19
N PHE A 230 24.66 -17.20 12.48
CA PHE A 230 23.84 -18.38 12.82
C PHE A 230 24.61 -19.67 12.51
N LYS A 231 24.35 -20.70 13.32
CA LYS A 231 24.83 -22.09 13.14
C LYS A 231 23.69 -23.02 13.53
N PHE A 232 23.08 -23.68 12.54
CA PHE A 232 21.96 -24.63 12.71
C PHE A 232 22.49 -26.06 12.67
N HIS A 233 22.15 -26.86 13.66
CA HIS A 233 22.30 -28.33 13.67
C HIS A 233 21.03 -28.89 13.04
N MET A 234 21.11 -29.34 11.81
CA MET A 234 19.95 -29.78 10.98
C MET A 234 19.33 -31.04 11.60
N LEU A 235 18.02 -31.08 11.76
CA LEU A 235 17.29 -32.21 12.41
C LEU A 235 16.54 -33.03 11.35
N HIS A 236 16.55 -32.56 10.09
CA HIS A 236 15.91 -33.23 8.93
C HIS A 236 16.77 -33.01 7.69
N SER A 237 16.71 -33.95 6.74
CA SER A 237 17.41 -33.93 5.44
C SER A 237 16.45 -33.38 4.38
N GLY A 238 16.92 -32.48 3.51
CA GLY A 238 16.08 -31.90 2.46
C GLY A 238 16.63 -30.56 1.97
N LEU A 239 15.88 -29.93 1.07
CA LEU A 239 16.20 -28.63 0.44
C LEU A 239 15.83 -27.54 1.43
N VAL A 240 16.79 -26.71 1.82
CA VAL A 240 16.53 -25.46 2.58
C VAL A 240 16.15 -24.40 1.54
N HIS A 241 14.90 -23.94 1.56
CA HIS A 241 14.40 -22.92 0.61
C HIS A 241 14.71 -21.52 1.16
N GLY A 242 15.03 -21.39 2.44
CA GLY A 242 15.42 -20.09 3.03
C GLY A 242 15.37 -20.12 4.55
N LEU A 243 15.37 -18.92 5.16
CA LEU A 243 15.22 -18.76 6.63
C LEU A 243 13.87 -18.12 6.93
N ALA A 244 13.16 -18.68 7.91
CA ALA A 244 11.95 -18.14 8.55
C ALA A 244 12.38 -17.31 9.76
N PHE A 245 11.77 -16.14 9.92
CA PHE A 245 12.03 -15.19 11.02
C PHE A 245 10.76 -14.92 11.80
N TRP A 246 10.90 -14.83 13.12
CA TRP A 246 9.88 -14.29 14.02
C TRP A 246 10.57 -13.64 15.21
N PHE A 247 9.80 -13.10 16.15
CA PHE A 247 10.35 -12.38 17.31
C PHE A 247 9.37 -12.44 18.47
N ASP A 248 9.98 -12.43 19.65
CA ASP A 248 9.35 -12.25 20.97
C ASP A 248 9.86 -10.91 21.50
N VAL A 249 9.02 -10.18 22.22
CA VAL A 249 9.53 -9.11 23.12
C VAL A 249 9.19 -9.54 24.54
N ALA A 250 10.07 -9.22 25.49
CA ALA A 250 9.84 -9.46 26.93
C ALA A 250 9.72 -8.12 27.63
N PHE A 251 8.70 -8.01 28.48
CA PHE A 251 8.47 -6.88 29.41
C PHE A 251 8.97 -7.35 30.78
N ILE A 252 10.21 -7.00 31.08
CA ILE A 252 10.91 -7.50 32.30
C ILE A 252 10.64 -6.48 33.41
N GLY A 253 9.55 -6.71 34.13
CA GLY A 253 9.11 -5.85 35.23
C GLY A 253 9.64 -6.33 36.56
N SER A 254 9.36 -5.56 37.60
CA SER A 254 9.74 -5.85 39.00
C SER A 254 8.91 -6.99 39.56
N ILE A 255 7.71 -7.27 39.04
CA ILE A 255 6.82 -8.39 39.54
C ILE A 255 6.97 -9.62 38.65
N MET A 256 6.84 -9.50 37.33
CA MET A 256 7.05 -10.65 36.43
C MET A 256 7.53 -10.17 35.07
N THR A 257 8.08 -11.13 34.32
CA THR A 257 8.39 -11.00 32.88
C THR A 257 7.15 -11.47 32.11
N VAL A 258 6.64 -10.62 31.23
CA VAL A 258 5.52 -10.98 30.32
C VAL A 258 6.08 -10.93 28.90
N TRP A 259 5.74 -11.94 28.11
CA TRP A 259 6.27 -12.15 26.75
C TRP A 259 5.13 -11.90 25.78
N LEU A 260 5.41 -11.17 24.73
CA LEU A 260 4.59 -11.17 23.50
C LEU A 260 5.40 -11.92 22.44
N SER A 261 4.89 -13.06 21.99
CA SER A 261 5.51 -13.96 20.99
C SER A 261 4.74 -13.89 19.68
N THR A 262 5.46 -13.77 18.57
CA THR A 262 4.90 -13.90 17.20
C THR A 262 5.42 -15.20 16.60
N ALA A 263 5.86 -16.14 17.46
CA ALA A 263 6.33 -17.49 17.08
C ALA A 263 5.26 -18.24 16.30
N PRO A 264 5.62 -19.09 15.32
CA PRO A 264 4.62 -19.91 14.65
C PRO A 264 3.99 -21.02 15.51
N THR A 265 4.47 -21.25 16.73
CA THR A 265 3.87 -22.16 17.76
C THR A 265 2.83 -21.39 18.57
N GLU A 266 2.66 -20.11 18.29
CA GLU A 266 1.76 -19.23 19.09
C GLU A 266 0.60 -18.75 18.23
N PRO A 267 -0.49 -18.27 18.88
CA PRO A 267 -1.61 -17.65 18.17
C PRO A 267 -1.12 -16.58 17.19
N LEU A 268 -1.70 -16.57 16.01
CA LEU A 268 -1.33 -15.67 14.90
C LEU A 268 -1.51 -14.22 15.36
N THR A 269 -0.61 -13.34 14.93
CA THR A 269 -0.70 -11.87 15.16
C THR A 269 -0.62 -11.19 13.79
N HIS A 270 -0.83 -9.87 13.77
CA HIS A 270 -0.69 -9.02 12.55
C HIS A 270 0.76 -9.00 12.07
N TRP A 271 1.72 -9.50 12.87
CA TRP A 271 3.14 -9.63 12.47
C TRP A 271 3.35 -10.85 11.59
N TYR A 272 2.45 -11.84 11.70
CA TYR A 272 2.60 -13.16 11.03
C TYR A 272 4.01 -13.70 11.32
N GLN A 273 4.65 -14.22 10.27
CA GLN A 273 6.09 -14.54 10.24
C GLN A 273 6.60 -14.09 8.87
N VAL A 274 7.93 -14.04 8.72
CA VAL A 274 8.60 -13.54 7.49
C VAL A 274 9.59 -14.60 7.04
N ARG A 275 9.50 -14.99 5.78
CA ARG A 275 10.45 -15.95 5.17
C ARG A 275 11.24 -15.24 4.07
N CYS A 276 12.55 -15.42 4.10
CA CYS A 276 13.51 -14.91 3.09
C CYS A 276 13.99 -16.12 2.30
N LEU A 277 13.49 -16.31 1.08
CA LEU A 277 13.88 -17.41 0.17
C LEU A 277 15.34 -17.24 -0.30
N PHE A 278 15.99 -18.37 -0.61
CA PHE A 278 17.24 -18.46 -1.40
C PHE A 278 16.82 -18.55 -2.87
N GLN A 279 17.60 -17.95 -3.77
CA GLN A 279 17.42 -18.08 -5.24
C GLN A 279 17.59 -19.55 -5.63
N SER A 280 18.58 -20.21 -5.03
CA SER A 280 18.84 -21.66 -5.20
C SER A 280 18.80 -22.33 -3.83
N PRO A 281 17.84 -23.26 -3.60
CA PRO A 281 17.79 -24.02 -2.35
C PRO A 281 19.06 -24.84 -2.06
N LEU A 282 19.28 -25.17 -0.79
CA LEU A 282 20.48 -25.89 -0.28
C LEU A 282 20.07 -27.28 0.16
N PHE A 283 20.67 -28.34 -0.40
CA PHE A 283 20.49 -29.70 0.17
C PHE A 283 21.34 -29.76 1.43
N ALA A 284 20.78 -30.31 2.50
CA ALA A 284 21.50 -30.63 3.75
C ALA A 284 20.96 -31.95 4.29
N LYS A 285 21.81 -32.69 5.03
CA LYS A 285 21.46 -33.95 5.73
C LYS A 285 21.27 -33.67 7.22
N ALA A 286 20.35 -34.38 7.88
CA ALA A 286 20.17 -34.37 9.34
C ALA A 286 21.55 -34.58 9.98
N GLY A 287 21.95 -33.70 10.90
CA GLY A 287 23.27 -33.72 11.56
C GLY A 287 24.26 -32.76 10.92
N ASP A 288 24.06 -32.36 9.68
CA ASP A 288 24.90 -31.30 9.04
C ASP A 288 24.68 -29.98 9.80
N THR A 289 25.61 -29.04 9.64
CA THR A 289 25.54 -27.69 10.24
C THR A 289 25.41 -26.71 9.08
N LEU A 290 24.46 -25.78 9.21
CA LEU A 290 24.15 -24.70 8.23
C LEU A 290 24.45 -23.39 8.94
N SER A 291 25.50 -22.70 8.50
CA SER A 291 26.02 -21.48 9.17
C SER A 291 26.13 -20.33 8.17
N GLY A 292 26.26 -19.13 8.69
CA GLY A 292 26.22 -17.92 7.85
C GLY A 292 25.82 -16.71 8.66
N THR A 293 25.46 -15.65 7.96
CA THR A 293 25.20 -14.31 8.52
C THR A 293 23.96 -13.77 7.84
N CYS A 294 23.02 -13.30 8.66
CA CYS A 294 21.97 -12.33 8.29
C CYS A 294 22.48 -10.94 8.69
N LEU A 295 22.71 -10.08 7.69
CA LEU A 295 23.16 -8.68 7.87
C LEU A 295 22.02 -7.73 7.48
N LEU A 296 21.58 -6.89 8.43
CA LEU A 296 20.53 -5.86 8.19
C LEU A 296 21.20 -4.49 8.24
N ILE A 297 21.09 -3.76 7.12
CA ILE A 297 21.62 -2.39 6.90
C ILE A 297 20.43 -1.44 6.66
N ALA A 298 20.28 -0.45 7.54
CA ALA A 298 19.25 0.63 7.50
C ALA A 298 19.36 1.43 6.19
N ASN A 299 18.24 1.64 5.50
CA ASN A 299 18.20 2.38 4.20
C ASN A 299 17.39 3.67 4.38
N LYS A 300 17.31 4.52 3.35
CA LYS A 300 16.60 5.83 3.42
C LYS A 300 15.08 5.63 3.45
N ARG A 301 14.58 4.44 3.10
CA ARG A 301 13.11 4.15 2.95
C ARG A 301 12.50 3.63 4.26
N GLN A 302 13.06 4.03 5.41
CA GLN A 302 12.63 3.64 6.79
C GLN A 302 12.54 2.11 6.85
N SER A 303 13.58 1.43 6.36
CA SER A 303 13.63 -0.05 6.27
C SER A 303 15.09 -0.52 6.18
N TYR A 304 15.27 -1.75 5.71
CA TYR A 304 16.57 -2.45 5.72
C TYR A 304 16.82 -3.16 4.40
N ASP A 305 18.07 -3.01 3.96
CA ASP A 305 18.76 -3.95 3.04
C ASP A 305 19.22 -5.15 3.87
N ILE A 306 18.63 -6.30 3.58
CA ILE A 306 18.93 -7.62 4.22
C ILE A 306 19.82 -8.44 3.29
N SER A 307 20.99 -8.84 3.77
CA SER A 307 21.81 -9.85 3.08
C SER A 307 21.87 -11.10 3.96
N ILE A 308 21.60 -12.24 3.34
CA ILE A 308 21.68 -13.57 3.98
C ILE A 308 22.66 -14.42 3.16
N VAL A 309 23.72 -14.88 3.82
CA VAL A 309 24.70 -15.89 3.32
C VAL A 309 24.55 -17.14 4.18
N ALA A 310 24.36 -18.32 3.58
CA ALA A 310 24.25 -19.58 4.34
C ALA A 310 25.01 -20.67 3.59
N GLN A 311 25.69 -21.53 4.34
CA GLN A 311 26.50 -22.64 3.77
C GLN A 311 26.32 -23.88 4.64
N VAL A 312 26.21 -25.03 3.97
CA VAL A 312 26.33 -26.37 4.62
C VAL A 312 27.82 -26.60 4.84
N ASP A 313 28.27 -26.65 6.09
CA ASP A 313 29.72 -26.64 6.45
C ASP A 313 30.41 -27.90 5.86
N GLN A 314 29.70 -29.02 5.84
CA GLN A 314 30.25 -30.34 5.42
C GLN A 314 30.45 -30.42 3.90
N THR A 315 29.77 -29.59 3.08
CA THR A 315 29.83 -29.72 1.59
C THR A 315 30.37 -28.45 0.93
N GLY A 316 30.32 -27.30 1.61
CA GLY A 316 30.64 -26.00 1.01
C GLY A 316 29.52 -25.50 0.11
N SER A 317 28.36 -26.16 0.11
CA SER A 317 27.16 -25.68 -0.62
C SER A 317 26.74 -24.37 0.05
N LYS A 318 26.70 -23.29 -0.73
CA LYS A 318 26.57 -21.90 -0.24
C LYS A 318 25.42 -21.24 -1.03
N SER A 319 24.58 -20.46 -0.36
CA SER A 319 23.48 -19.70 -1.01
C SER A 319 23.42 -18.28 -0.46
N SER A 320 22.96 -17.37 -1.30
CA SER A 320 22.81 -15.91 -1.03
C SER A 320 21.37 -15.48 -1.30
N ASN A 321 20.95 -14.42 -0.61
CA ASN A 321 19.89 -13.54 -1.13
C ASN A 321 20.13 -12.14 -0.57
N LEU A 322 19.77 -11.14 -1.37
CA LEU A 322 19.49 -9.76 -0.90
C LEU A 322 17.99 -9.68 -0.70
N LEU A 323 17.54 -9.02 0.35
CA LEU A 323 16.08 -8.81 0.50
C LEU A 323 15.80 -7.35 0.84
N ASP A 324 14.67 -6.93 0.32
CA ASP A 324 14.14 -5.56 0.33
C ASP A 324 12.88 -5.62 1.20
N LEU A 325 13.03 -5.34 2.48
CA LEU A 325 11.88 -5.30 3.43
C LEU A 325 10.93 -4.13 3.06
N LYS A 326 11.29 -3.29 2.08
CA LYS A 326 10.45 -2.19 1.51
C LYS A 326 9.36 -2.75 0.59
N ASN A 327 9.52 -3.96 0.06
CA ASN A 327 8.57 -4.53 -0.93
C ASN A 327 8.19 -5.95 -0.52
N PRO A 328 7.58 -6.15 0.66
CA PRO A 328 7.17 -7.49 1.09
C PRO A 328 6.10 -8.12 0.18
N PHE A 329 6.07 -9.45 0.13
CA PHE A 329 4.99 -10.26 -0.49
C PHE A 329 4.07 -10.70 0.65
N PHE A 330 2.88 -10.08 0.74
CA PHE A 330 1.80 -10.46 1.67
C PHE A 330 1.02 -11.60 1.02
N ARG A 331 1.31 -12.84 1.43
CA ARG A 331 0.81 -14.08 0.78
C ARG A 331 -0.47 -14.56 1.48
N TYR A 332 -0.62 -14.25 2.78
CA TYR A 332 -1.78 -14.66 3.61
C TYR A 332 -3.10 -14.23 2.95
N GLN B 7 7.88 4.98 -7.38
CA GLN B 7 8.62 3.68 -7.50
C GLN B 7 7.62 2.56 -7.82
N PHE B 8 6.39 2.61 -7.29
CA PHE B 8 5.31 1.61 -7.51
C PHE B 8 5.39 1.03 -8.95
N TYR B 9 5.35 1.89 -9.97
CA TYR B 9 5.43 1.49 -11.40
C TYR B 9 6.87 1.13 -11.80
N GLY B 10 7.81 1.32 -10.86
CA GLY B 10 9.23 0.98 -11.02
C GLY B 10 9.54 -0.49 -10.79
N TYR B 11 8.55 -1.30 -10.41
CA TYR B 11 8.73 -2.76 -10.15
C TYR B 11 8.32 -3.53 -11.39
N LEU B 12 9.16 -4.49 -11.80
CA LEU B 12 8.88 -5.41 -12.93
C LEU B 12 7.60 -6.20 -12.64
N SER B 13 7.35 -6.48 -11.36
CA SER B 13 6.13 -7.21 -10.93
C SER B 13 4.91 -6.37 -11.28
N GLN B 14 4.96 -5.06 -11.03
CA GLN B 14 3.84 -4.14 -11.36
C GLN B 14 3.66 -4.09 -12.88
N GLN B 15 4.75 -4.03 -13.65
CA GLN B 15 4.67 -4.00 -15.14
C GLN B 15 4.05 -5.31 -15.65
N GLN B 16 4.42 -6.43 -15.05
CA GLN B 16 3.90 -7.78 -15.43
C GLN B 16 2.38 -7.83 -15.24
N ASN B 17 1.90 -7.35 -14.10
CA ASN B 17 0.46 -7.35 -13.73
C ASN B 17 -0.36 -6.62 -14.81
N MET B 18 0.12 -5.49 -15.32
CA MET B 18 -0.55 -4.71 -16.40
C MET B 18 -0.28 -5.36 -17.77
N MET B 19 0.95 -5.78 -18.06
CA MET B 19 1.25 -6.51 -19.32
C MET B 19 0.39 -7.78 -19.42
N GLN B 20 0.27 -8.53 -18.30
CA GLN B 20 -0.50 -9.80 -18.23
C GLN B 20 -1.99 -9.57 -18.35
N ASP B 21 -2.46 -8.38 -18.00
CA ASP B 21 -3.89 -8.01 -18.11
C ASP B 21 -4.30 -7.91 -19.60
N TYR B 22 -5.04 -8.91 -20.10
CA TYR B 22 -5.32 -9.11 -21.55
C TYR B 22 -6.22 -8.01 -22.09
N VAL B 23 -7.24 -7.63 -21.32
CA VAL B 23 -8.27 -6.62 -21.72
C VAL B 23 -7.58 -5.27 -21.92
N ARG B 24 -6.70 -4.87 -21.02
CA ARG B 24 -5.89 -3.64 -21.14
C ARG B 24 -4.92 -3.79 -22.33
N THR B 25 -4.01 -4.75 -22.24
CA THR B 25 -2.85 -4.82 -23.16
C THR B 25 -3.33 -5.24 -24.55
N GLY B 26 -4.23 -6.20 -24.62
CA GLY B 26 -4.80 -6.68 -25.89
C GLY B 26 -5.60 -5.61 -26.58
N THR B 27 -6.36 -4.81 -25.83
CA THR B 27 -7.17 -3.72 -26.43
C THR B 27 -6.24 -2.66 -27.01
N TYR B 28 -5.19 -2.29 -26.29
CA TYR B 28 -4.22 -1.31 -26.84
C TYR B 28 -3.62 -1.88 -28.14
N GLN B 29 -3.23 -3.17 -28.16
CA GLN B 29 -2.59 -3.74 -29.38
C GLN B 29 -3.56 -3.65 -30.56
N ARG B 30 -4.81 -4.06 -30.37
CA ARG B 30 -5.91 -4.02 -31.37
C ARG B 30 -6.16 -2.58 -31.85
N ALA B 31 -6.35 -1.65 -30.92
CA ALA B 31 -6.52 -0.22 -31.26
C ALA B 31 -5.39 0.22 -32.20
N ILE B 32 -4.14 -0.10 -31.89
CA ILE B 32 -2.97 0.35 -32.68
C ILE B 32 -2.89 -0.43 -34.01
N LEU B 33 -2.84 -1.76 -33.98
CA LEU B 33 -2.57 -2.60 -35.19
C LEU B 33 -3.69 -2.44 -36.24
N GLN B 34 -4.94 -2.35 -35.80
CA GLN B 34 -6.11 -2.18 -36.70
C GLN B 34 -6.22 -0.73 -37.20
N ASN B 35 -5.43 0.21 -36.65
CA ASN B 35 -5.30 1.60 -37.13
C ASN B 35 -3.86 1.85 -37.62
N HIS B 36 -3.29 0.92 -38.39
CA HIS B 36 -1.89 0.96 -38.88
C HIS B 36 -1.62 2.22 -39.69
N THR B 37 -2.63 2.78 -40.36
CA THR B 37 -2.45 4.01 -41.19
C THR B 37 -2.18 5.22 -40.28
N ASP B 38 -2.59 5.20 -39.01
CA ASP B 38 -2.25 6.28 -38.06
C ASP B 38 -0.83 6.08 -37.52
N PHE B 39 -0.18 4.95 -37.80
CA PHE B 39 1.19 4.68 -37.28
C PHE B 39 2.23 4.47 -38.41
N LYS B 40 1.82 3.84 -39.51
CA LYS B 40 2.72 3.52 -40.66
C LYS B 40 3.51 4.79 -41.04
N ASP B 41 4.82 4.79 -40.72
CA ASP B 41 5.85 5.81 -41.04
C ASP B 41 5.71 7.11 -40.24
N LYS B 42 5.00 7.12 -39.11
CA LYS B 42 4.70 8.33 -38.30
C LYS B 42 5.72 8.46 -37.17
N ILE B 43 5.74 9.65 -36.55
CA ILE B 43 6.53 9.97 -35.33
C ILE B 43 5.54 9.81 -34.17
N VAL B 44 5.95 9.10 -33.10
CA VAL B 44 5.06 8.66 -31.99
C VAL B 44 5.68 9.11 -30.68
N LEU B 45 4.86 9.60 -29.75
CA LEU B 45 5.24 9.84 -28.34
C LEU B 45 4.42 8.89 -27.44
N ASP B 46 5.14 8.09 -26.64
CA ASP B 46 4.55 7.15 -25.64
C ASP B 46 4.80 7.78 -24.27
N VAL B 47 3.75 8.35 -23.66
CA VAL B 47 3.90 9.13 -22.40
C VAL B 47 3.74 8.16 -21.22
N GLY B 48 4.76 8.04 -20.37
CA GLY B 48 4.84 7.07 -19.26
C GLY B 48 4.83 5.62 -19.75
N CYS B 49 5.84 5.26 -20.55
CA CYS B 49 5.85 4.03 -21.39
C CYS B 49 6.10 2.78 -20.54
N GLY B 50 6.52 2.95 -19.30
CA GLY B 50 6.79 1.83 -18.40
C GLY B 50 7.84 0.94 -19.04
N SER B 51 7.55 -0.35 -19.21
CA SER B 51 8.44 -1.34 -19.86
C SER B 51 8.55 -1.08 -21.37
N GLY B 52 7.63 -0.29 -21.95
CA GLY B 52 7.69 0.13 -23.36
C GLY B 52 6.76 -0.62 -24.27
N ILE B 53 5.89 -1.48 -23.72
CA ILE B 53 5.06 -2.41 -24.51
C ILE B 53 4.29 -1.64 -25.60
N LEU B 54 3.69 -0.48 -25.26
CA LEU B 54 2.90 0.32 -26.23
C LEU B 54 3.80 0.82 -27.38
N SER B 55 5.05 1.17 -27.07
CA SER B 55 6.07 1.63 -28.07
C SER B 55 6.40 0.51 -29.06
N PHE B 56 6.53 -0.74 -28.58
CA PHE B 56 6.65 -1.96 -29.41
C PHE B 56 5.41 -2.10 -30.31
N PHE B 57 4.20 -1.90 -29.79
CA PHE B 57 2.99 -2.10 -30.63
C PHE B 57 2.98 -1.08 -31.78
N ALA B 58 3.40 0.16 -31.50
CA ALA B 58 3.54 1.22 -32.51
C ALA B 58 4.59 0.81 -33.57
N ALA B 59 5.70 0.23 -33.14
CA ALA B 59 6.77 -0.28 -34.03
C ALA B 59 6.22 -1.42 -34.90
N GLN B 60 5.37 -2.28 -34.33
CA GLN B 60 4.70 -3.38 -35.08
C GLN B 60 3.76 -2.79 -36.13
N ALA B 61 3.20 -1.60 -35.88
CA ALA B 61 2.25 -0.92 -36.77
C ALA B 61 2.98 -0.07 -37.81
N GLY B 62 4.32 0.03 -37.73
CA GLY B 62 5.18 0.58 -38.79
C GLY B 62 5.71 1.98 -38.50
N ALA B 63 5.54 2.49 -37.28
CA ALA B 63 6.04 3.83 -36.86
C ALA B 63 7.52 3.99 -37.22
N ARG B 64 7.88 5.16 -37.76
CA ARG B 64 9.24 5.53 -38.21
C ARG B 64 10.11 5.80 -36.97
N LYS B 65 9.53 6.52 -36.01
CA LYS B 65 10.21 6.91 -34.76
C LYS B 65 9.19 6.95 -33.62
N ILE B 66 9.59 6.46 -32.45
CA ILE B 66 8.78 6.43 -31.20
C ILE B 66 9.67 6.97 -30.09
N TYR B 67 9.28 8.11 -29.52
CA TYR B 67 9.86 8.65 -28.29
C TYR B 67 9.06 8.04 -27.13
N ALA B 68 9.75 7.32 -26.24
CA ALA B 68 9.17 6.57 -25.11
C ALA B 68 9.68 7.23 -23.83
N VAL B 69 8.84 8.05 -23.18
CA VAL B 69 9.23 8.82 -21.97
C VAL B 69 8.71 8.10 -20.71
N GLU B 70 9.59 7.95 -19.73
CA GLU B 70 9.30 7.25 -18.47
C GLU B 70 10.08 7.94 -17.35
N ALA B 71 9.39 8.48 -16.35
CA ALA B 71 10.00 9.20 -15.21
C ALA B 71 10.62 8.22 -14.21
N SER B 72 10.20 6.95 -14.17
CA SER B 72 10.69 5.97 -13.16
C SER B 72 11.95 5.24 -13.70
N THR B 73 12.61 4.44 -12.85
CA THR B 73 13.83 3.65 -13.20
C THR B 73 13.48 2.50 -14.14
N MET B 74 12.20 2.22 -14.36
CA MET B 74 11.73 1.29 -15.43
C MET B 74 12.26 1.72 -16.81
N ALA B 75 12.57 3.00 -17.02
CA ALA B 75 13.15 3.52 -18.29
C ALA B 75 14.41 2.71 -18.65
N GLN B 76 15.24 2.37 -17.65
CA GLN B 76 16.47 1.53 -17.77
C GLN B 76 16.13 0.15 -18.34
N HIS B 77 15.08 -0.48 -17.81
CA HIS B 77 14.62 -1.82 -18.27
C HIS B 77 14.01 -1.68 -19.67
N ALA B 78 13.30 -0.57 -19.94
CA ALA B 78 12.69 -0.36 -21.27
C ALA B 78 13.81 -0.30 -22.32
N GLU B 79 14.90 0.41 -21.98
CA GLU B 79 16.12 0.56 -22.82
C GLU B 79 16.69 -0.84 -23.15
N VAL B 80 16.82 -1.73 -22.16
CA VAL B 80 17.32 -3.13 -22.37
C VAL B 80 16.41 -3.84 -23.38
N LEU B 81 15.10 -3.73 -23.26
CA LEU B 81 14.16 -4.42 -24.17
C LEU B 81 14.32 -3.89 -25.62
N VAL B 82 14.55 -2.59 -25.81
CA VAL B 82 14.66 -1.98 -27.16
C VAL B 82 15.96 -2.49 -27.83
N LYS B 83 17.10 -2.44 -27.12
CA LYS B 83 18.39 -3.03 -27.62
C LYS B 83 18.15 -4.51 -27.91
N SER B 84 17.64 -5.23 -26.92
CA SER B 84 17.38 -6.69 -27.03
C SER B 84 16.45 -6.98 -28.21
N ASN B 85 15.54 -6.06 -28.56
CA ASN B 85 14.54 -6.31 -29.64
C ASN B 85 15.01 -5.68 -30.98
N ASN B 86 16.27 -5.24 -31.06
CA ASN B 86 16.93 -4.69 -32.28
C ASN B 86 16.10 -3.53 -32.83
N LEU B 87 15.77 -2.55 -31.97
CA LEU B 87 14.88 -1.42 -32.33
C LEU B 87 15.49 -0.10 -31.84
N THR B 88 16.79 -0.04 -31.59
CA THR B 88 17.45 1.22 -31.15
C THR B 88 17.30 2.29 -32.24
N ASP B 89 17.15 1.91 -33.50
CA ASP B 89 16.98 2.86 -34.63
C ASP B 89 15.59 3.51 -34.62
N ARG B 90 14.55 2.85 -34.05
CA ARG B 90 13.13 3.31 -34.16
C ARG B 90 12.50 3.68 -32.80
N ILE B 91 13.01 3.17 -31.69
CA ILE B 91 12.50 3.50 -30.33
C ILE B 91 13.61 4.15 -29.52
N VAL B 92 13.44 5.41 -29.19
CA VAL B 92 14.36 6.16 -28.29
C VAL B 92 13.65 6.30 -26.94
N VAL B 93 14.24 5.73 -25.89
CA VAL B 93 13.75 5.84 -24.50
C VAL B 93 14.36 7.09 -23.89
N ILE B 94 13.51 8.00 -23.40
CA ILE B 94 13.92 9.28 -22.78
C ILE B 94 13.55 9.16 -21.29
N PRO B 95 14.54 8.97 -20.40
CA PRO B 95 14.29 8.93 -18.96
C PRO B 95 13.98 10.33 -18.43
N GLY B 96 12.88 10.49 -17.69
CA GLY B 96 12.50 11.75 -17.04
C GLY B 96 11.05 12.07 -17.27
N LYS B 97 10.60 13.21 -16.72
CA LYS B 97 9.17 13.63 -16.73
C LYS B 97 8.90 14.20 -18.12
N VAL B 98 7.73 13.89 -18.69
CA VAL B 98 7.29 14.41 -20.02
C VAL B 98 7.26 15.96 -19.98
N GLU B 99 7.18 16.57 -18.80
CA GLU B 99 7.13 18.06 -18.64
C GLU B 99 8.55 18.65 -18.73
N GLU B 100 9.59 17.83 -18.54
CA GLU B 100 10.98 18.29 -18.32
C GLU B 100 11.94 17.79 -19.39
N VAL B 101 11.61 16.75 -20.14
CA VAL B 101 12.51 16.21 -21.20
C VAL B 101 12.41 17.10 -22.45
N SER B 102 13.25 16.83 -23.44
CA SER B 102 13.24 17.51 -24.77
C SER B 102 13.00 16.44 -25.84
N LEU B 103 11.99 16.63 -26.69
CA LEU B 103 11.88 15.82 -27.94
C LEU B 103 12.65 16.58 -29.01
N PRO B 104 13.24 15.90 -30.01
CA PRO B 104 13.92 16.58 -31.11
C PRO B 104 12.96 17.18 -32.16
N GLU B 105 11.69 16.75 -32.14
CA GLU B 105 10.69 17.09 -33.18
C GLU B 105 9.26 16.89 -32.65
N GLN B 106 8.28 17.41 -33.40
CA GLN B 106 6.83 17.28 -33.13
C GLN B 106 6.41 15.89 -33.58
N VAL B 107 5.33 15.34 -33.02
CA VAL B 107 4.89 13.95 -33.30
C VAL B 107 3.53 13.98 -33.99
N ASP B 108 3.20 12.92 -34.73
CA ASP B 108 1.89 12.71 -35.39
C ASP B 108 0.83 12.25 -34.39
N ILE B 109 1.24 11.53 -33.34
CA ILE B 109 0.28 10.77 -32.49
C ILE B 109 0.92 10.56 -31.12
N ILE B 110 0.11 10.75 -30.07
CA ILE B 110 0.54 10.46 -28.68
C ILE B 110 -0.24 9.24 -28.22
N ILE B 111 0.45 8.29 -27.62
CA ILE B 111 -0.16 7.07 -27.05
C ILE B 111 0.22 7.06 -25.57
N SER B 112 -0.70 6.58 -24.73
CA SER B 112 -0.48 6.47 -23.28
C SER B 112 -1.49 5.51 -22.68
N GLU B 113 -1.17 4.92 -21.52
CA GLU B 113 -2.17 4.30 -20.62
C GLU B 113 -2.06 5.08 -19.32
N PRO B 114 -2.74 6.26 -19.26
CA PRO B 114 -2.71 7.12 -18.07
C PRO B 114 -3.93 7.03 -17.14
N MET B 115 -4.79 6.04 -17.33
CA MET B 115 -6.12 5.94 -16.65
C MET B 115 -5.97 5.34 -15.25
N GLY B 116 -6.43 6.08 -14.25
CA GLY B 116 -6.60 5.56 -12.88
C GLY B 116 -8.04 5.17 -12.61
N TYR B 117 -8.30 4.81 -11.35
CA TYR B 117 -9.65 4.49 -10.83
C TYR B 117 -10.56 5.65 -11.20
N MET B 118 -11.74 5.39 -11.75
CA MET B 118 -12.69 6.49 -12.04
C MET B 118 -12.05 7.40 -13.10
N LEU B 119 -11.14 6.84 -13.90
CA LEU B 119 -10.35 7.51 -15.00
C LEU B 119 -9.26 8.44 -14.45
N PHE B 120 -9.62 9.39 -13.57
CA PHE B 120 -8.79 10.59 -13.26
C PHE B 120 -7.77 10.32 -12.15
N ASN B 121 -8.02 9.31 -11.32
CA ASN B 121 -7.10 9.05 -10.18
C ASN B 121 -5.65 8.87 -10.69
N GLU B 122 -4.70 9.36 -9.90
CA GLU B 122 -3.24 9.38 -10.14
C GLU B 122 -2.87 10.64 -10.94
N ARG B 123 -3.83 11.33 -11.56
CA ARG B 123 -3.61 12.63 -12.23
C ARG B 123 -2.66 12.50 -13.43
N MET B 124 -2.49 11.31 -14.00
CA MET B 124 -1.57 11.14 -15.15
C MET B 124 -2.15 11.76 -16.44
N LEU B 125 -3.48 11.85 -16.55
CA LEU B 125 -4.09 12.54 -17.71
C LEU B 125 -3.52 13.97 -17.87
N GLU B 126 -3.02 14.60 -16.80
CA GLU B 126 -2.44 15.97 -16.90
C GLU B 126 -1.14 15.91 -17.73
N SER B 127 -0.29 14.92 -17.47
CA SER B 127 0.96 14.66 -18.23
C SER B 127 0.64 14.31 -19.69
N TYR B 128 -0.38 13.51 -19.93
CA TYR B 128 -0.85 13.11 -21.28
C TYR B 128 -1.23 14.38 -22.07
N LEU B 129 -2.01 15.28 -21.46
CA LEU B 129 -2.50 16.51 -22.10
C LEU B 129 -1.34 17.50 -22.26
N HIS B 130 -0.46 17.62 -21.25
CA HIS B 130 0.76 18.46 -21.26
C HIS B 130 1.58 18.16 -22.52
N ALA B 131 1.64 16.87 -22.88
CA ALA B 131 2.47 16.32 -23.97
C ALA B 131 1.96 16.82 -25.32
N LYS B 132 0.75 17.35 -25.40
CA LYS B 132 0.22 17.91 -26.68
C LYS B 132 1.03 19.13 -27.13
N LYS B 133 1.89 19.71 -26.29
CA LYS B 133 2.88 20.72 -26.76
C LYS B 133 3.79 20.09 -27.83
N TYR B 134 3.90 18.75 -27.88
CA TYR B 134 4.73 18.06 -28.90
C TYR B 134 3.89 17.62 -30.10
N LEU B 135 2.58 17.78 -30.04
CA LEU B 135 1.69 17.22 -31.08
C LEU B 135 1.65 18.18 -32.26
N LYS B 136 1.76 17.65 -33.48
CA LYS B 136 1.53 18.38 -34.77
C LYS B 136 0.08 18.82 -34.84
N PRO B 137 -0.21 20.02 -35.39
CA PRO B 137 -1.59 20.42 -35.62
C PRO B 137 -2.22 19.26 -36.41
N SER B 138 -3.43 18.86 -36.04
CA SER B 138 -4.16 17.73 -36.67
C SER B 138 -3.54 16.38 -36.29
N GLY B 139 -2.65 16.36 -35.30
CA GLY B 139 -2.10 15.13 -34.70
C GLY B 139 -3.17 14.41 -33.90
N ASN B 140 -2.96 13.13 -33.61
CA ASN B 140 -4.00 12.29 -32.97
C ASN B 140 -3.58 11.94 -31.51
N MET B 141 -4.55 11.49 -30.71
N MET B 141 -4.53 11.42 -30.76
CA MET B 141 -4.32 11.02 -29.32
CA MET B 141 -4.24 10.92 -29.40
C MET B 141 -5.01 9.66 -29.15
C MET B 141 -5.00 9.63 -29.17
N PHE B 142 -4.27 8.66 -28.63
CA PHE B 142 -4.72 7.28 -28.38
C PHE B 142 -4.43 6.98 -26.91
N PRO B 143 -5.42 7.01 -26.00
CA PRO B 143 -6.83 7.17 -26.32
C PRO B 143 -7.21 8.60 -26.69
N THR B 144 -8.29 8.71 -27.45
CA THR B 144 -8.80 10.00 -27.98
C THR B 144 -9.77 10.66 -27.01
N ILE B 145 -10.75 9.91 -26.52
CA ILE B 145 -11.77 10.44 -25.58
C ILE B 145 -11.84 9.52 -24.35
N GLY B 146 -12.27 10.08 -23.21
CA GLY B 146 -12.69 9.32 -22.02
C GLY B 146 -14.11 9.66 -21.60
N ASP B 147 -14.95 8.65 -21.43
CA ASP B 147 -16.34 8.80 -20.93
C ASP B 147 -16.38 8.32 -19.47
N VAL B 148 -16.59 9.23 -18.52
CA VAL B 148 -16.93 8.89 -17.11
C VAL B 148 -18.45 8.78 -16.97
N HIS B 149 -18.93 7.61 -16.56
CA HIS B 149 -20.35 7.32 -16.29
C HIS B 149 -20.57 7.36 -14.79
N LEU B 150 -21.64 8.03 -14.34
CA LEU B 150 -22.10 7.89 -12.93
C LEU B 150 -23.58 7.53 -12.90
N ALA B 151 -23.97 6.72 -11.90
CA ALA B 151 -25.36 6.26 -11.73
C ALA B 151 -25.61 6.06 -10.24
N PRO B 152 -26.84 6.41 -9.77
CA PRO B 152 -27.22 6.18 -8.38
C PRO B 152 -27.35 4.68 -8.10
N PHE B 153 -26.95 4.20 -6.92
CA PHE B 153 -27.06 2.77 -6.54
C PHE B 153 -27.74 2.61 -5.18
N THR B 154 -28.30 1.42 -4.97
CA THR B 154 -28.85 0.97 -3.68
C THR B 154 -27.97 -0.18 -3.24
N ASP B 155 -27.47 -0.10 -2.01
CA ASP B 155 -26.68 -1.18 -1.40
C ASP B 155 -26.75 -1.00 0.12
N GLU B 156 -27.87 -1.44 0.71
CA GLU B 156 -28.12 -1.31 2.17
C GLU B 156 -26.93 -1.87 2.95
N GLN B 157 -26.43 -3.04 2.54
CA GLN B 157 -25.36 -3.79 3.24
C GLN B 157 -24.06 -2.96 3.24
N LEU B 158 -23.70 -2.37 2.10
CA LEU B 158 -22.45 -1.57 2.01
C LEU B 158 -22.61 -0.32 2.90
N TYR B 159 -23.79 0.32 2.93
CA TYR B 159 -24.03 1.50 3.82
C TYR B 159 -23.84 1.08 5.30
N MET B 160 -24.48 -0.05 5.69
CA MET B 160 -24.63 -0.41 7.12
C MET B 160 -23.26 -0.83 7.67
N GLU B 161 -22.44 -1.45 6.84
CA GLU B 161 -21.10 -1.97 7.23
C GLU B 161 -20.17 -0.81 7.67
N GLN B 162 -20.33 0.41 7.15
CA GLN B 162 -19.60 1.61 7.64
C GLN B 162 -19.77 1.74 9.16
N PHE B 163 -21.00 1.55 9.63
CA PHE B 163 -21.37 1.68 11.06
C PHE B 163 -20.92 0.46 11.84
N THR B 164 -21.04 -0.74 11.29
CA THR B 164 -20.43 -1.94 11.91
C THR B 164 -18.97 -1.63 12.21
N LYS B 165 -18.24 -1.11 11.24
CA LYS B 165 -16.80 -0.85 11.42
C LYS B 165 -16.59 0.27 12.45
N ALA B 166 -17.23 1.42 12.26
CA ALA B 166 -17.07 2.61 13.10
C ALA B 166 -17.48 2.32 14.55
N ASN B 167 -18.46 1.42 14.78
CA ASN B 167 -19.06 1.21 16.12
C ASN B 167 -18.06 0.48 17.04
N PHE B 168 -16.96 -0.04 16.49
CA PHE B 168 -15.77 -0.41 17.32
C PHE B 168 -15.51 0.67 18.38
N TRP B 169 -15.62 1.95 18.04
CA TRP B 169 -15.28 3.07 18.97
C TRP B 169 -16.41 3.30 19.98
N TYR B 170 -17.64 2.86 19.70
CA TYR B 170 -18.82 3.12 20.59
C TYR B 170 -18.90 2.03 21.66
N GLN B 171 -17.93 2.06 22.57
CA GLN B 171 -17.92 1.11 23.70
C GLN B 171 -17.24 1.80 24.87
N PRO B 172 -17.79 1.59 26.09
CA PRO B 172 -17.38 2.37 27.26
C PRO B 172 -16.11 1.80 27.90
N SER B 173 -15.73 0.57 27.58
CA SER B 173 -14.58 -0.07 28.26
C SER B 173 -13.84 -1.00 27.30
N PHE B 174 -13.21 -0.45 26.26
CA PHE B 174 -12.19 -1.19 25.47
C PHE B 174 -10.94 -1.34 26.36
N HIS B 175 -10.75 -2.50 26.99
CA HIS B 175 -9.65 -2.74 27.96
C HIS B 175 -9.62 -1.59 28.97
N GLY B 176 -10.80 -1.18 29.49
CA GLY B 176 -10.95 -0.10 30.48
C GLY B 176 -11.05 1.30 29.91
N VAL B 177 -11.08 1.49 28.57
CA VAL B 177 -11.01 2.83 27.93
C VAL B 177 -12.34 3.10 27.23
N ASP B 178 -12.92 4.28 27.48
CA ASP B 178 -14.17 4.69 26.80
C ASP B 178 -13.74 5.29 25.47
N LEU B 179 -13.97 4.59 24.36
CA LEU B 179 -13.56 5.03 22.99
C LEU B 179 -14.62 5.91 22.31
N SER B 180 -15.78 6.13 22.95
CA SER B 180 -17.02 6.58 22.28
C SER B 180 -16.89 8.01 21.72
N ALA B 181 -16.05 8.86 22.29
CA ALA B 181 -15.79 10.23 21.80
C ALA B 181 -15.21 10.24 20.37
N LEU B 182 -14.64 9.14 19.88
CA LEU B 182 -14.05 9.11 18.51
C LEU B 182 -15.01 8.50 17.48
N ARG B 183 -16.21 8.10 17.87
CA ARG B 183 -17.08 7.30 16.97
C ARG B 183 -17.42 8.15 15.74
N GLY B 184 -17.79 9.41 15.97
CA GLY B 184 -18.15 10.38 14.91
C GLY B 184 -17.02 10.55 13.89
N ALA B 185 -15.79 10.78 14.37
CA ALA B 185 -14.59 10.89 13.51
C ALA B 185 -14.38 9.58 12.74
N ALA B 186 -14.62 8.42 13.36
CA ALA B 186 -14.41 7.13 12.65
C ALA B 186 -15.44 6.99 11.52
N VAL B 187 -16.70 7.28 11.77
CA VAL B 187 -17.75 7.24 10.72
C VAL B 187 -17.30 8.18 9.58
N ASP B 188 -16.97 9.42 9.91
CA ASP B 188 -16.59 10.44 8.89
C ASP B 188 -15.43 9.89 8.06
N GLU B 189 -14.42 9.31 8.70
CA GLU B 189 -13.24 8.79 7.96
C GLU B 189 -13.66 7.66 7.01
N TYR B 190 -14.50 6.71 7.44
CA TYR B 190 -14.93 5.59 6.57
C TYR B 190 -15.76 6.10 5.39
N PHE B 191 -16.64 7.08 5.60
CA PHE B 191 -17.50 7.62 4.49
C PHE B 191 -16.68 8.44 3.49
N ARG B 192 -15.50 8.93 3.89
N ARG B 192 -15.51 8.95 3.89
CA ARG B 192 -14.57 9.69 3.02
CA ARG B 192 -14.54 9.67 3.01
C ARG B 192 -13.73 8.74 2.16
C ARG B 192 -13.91 8.74 1.98
N GLN B 193 -13.98 7.43 2.21
CA GLN B 193 -13.24 6.42 1.40
C GLN B 193 -14.12 5.94 0.26
N PRO B 194 -13.79 6.26 -1.02
CA PRO B 194 -14.45 5.64 -2.16
C PRO B 194 -14.18 4.13 -2.15
N VAL B 195 -15.20 3.37 -2.51
CA VAL B 195 -15.17 1.88 -2.51
C VAL B 195 -14.76 1.41 -3.91
N VAL B 196 -13.66 0.69 -3.99
CA VAL B 196 -13.24 0.01 -5.25
C VAL B 196 -13.67 -1.45 -5.16
N ASP B 197 -14.63 -1.84 -5.98
CA ASP B 197 -15.10 -3.24 -6.14
C ASP B 197 -16.12 -3.26 -7.28
N THR B 198 -16.81 -4.36 -7.44
CA THR B 198 -17.81 -4.53 -8.52
C THR B 198 -19.16 -4.82 -7.88
N PHE B 199 -20.20 -4.90 -8.70
CA PHE B 199 -21.58 -5.08 -8.22
C PHE B 199 -22.40 -5.63 -9.37
N ASP B 200 -23.55 -6.18 -9.03
CA ASP B 200 -24.60 -6.60 -9.99
C ASP B 200 -25.25 -5.33 -10.52
N ILE B 201 -25.44 -5.22 -11.84
CA ILE B 201 -26.01 -3.99 -12.48
C ILE B 201 -27.39 -3.69 -11.90
N ARG B 202 -28.09 -4.66 -11.33
CA ARG B 202 -29.48 -4.43 -10.82
C ARG B 202 -29.46 -3.63 -9.49
N ILE B 203 -28.30 -3.29 -8.92
CA ILE B 203 -28.29 -2.27 -7.81
C ILE B 203 -28.41 -0.84 -8.39
N LEU B 204 -28.31 -0.65 -9.71
CA LEU B 204 -28.32 0.71 -10.27
C LEU B 204 -29.77 1.16 -10.36
N MET B 205 -30.05 2.37 -9.95
CA MET B 205 -31.44 2.83 -9.79
C MET B 205 -31.82 3.75 -10.94
N ALA B 206 -30.88 4.05 -11.84
CA ALA B 206 -31.07 4.97 -12.97
C ALA B 206 -30.00 4.74 -14.04
N LYS B 207 -30.36 5.04 -15.28
CA LYS B 207 -29.45 5.06 -16.44
C LYS B 207 -28.32 6.01 -16.06
N SER B 208 -27.10 5.69 -16.48
CA SER B 208 -25.90 6.50 -16.18
C SER B 208 -26.02 7.89 -16.82
N VAL B 209 -25.45 8.90 -16.17
CA VAL B 209 -25.06 10.18 -16.82
C VAL B 209 -23.61 10.02 -17.30
N LYS B 210 -23.31 10.53 -18.49
CA LYS B 210 -21.97 10.46 -19.13
C LYS B 210 -21.33 11.85 -19.14
N TYR B 211 -20.10 11.95 -18.64
CA TYR B 211 -19.22 13.12 -18.78
C TYR B 211 -17.99 12.77 -19.62
N THR B 212 -17.86 13.45 -20.75
CA THR B 212 -16.88 13.12 -21.82
C THR B 212 -15.74 14.12 -21.75
N VAL B 213 -14.52 13.61 -21.66
CA VAL B 213 -13.31 14.45 -21.89
C VAL B 213 -12.78 14.13 -23.29
N ASN B 214 -12.64 15.15 -24.13
CA ASN B 214 -12.09 14.99 -25.50
C ASN B 214 -10.61 15.34 -25.37
N PHE B 215 -9.72 14.34 -25.47
CA PHE B 215 -8.28 14.52 -25.19
C PHE B 215 -7.62 15.34 -26.32
N LEU B 216 -8.27 15.46 -27.49
CA LEU B 216 -7.74 16.35 -28.57
C LEU B 216 -7.95 17.82 -28.18
N GLU B 217 -8.97 18.13 -27.38
CA GLU B 217 -9.39 19.53 -27.12
C GLU B 217 -8.98 19.97 -25.72
N ALA B 218 -9.00 19.05 -24.76
CA ALA B 218 -8.88 19.38 -23.33
C ALA B 218 -7.47 19.88 -23.03
N LYS B 219 -7.38 20.88 -22.17
CA LYS B 219 -6.08 21.37 -21.66
C LYS B 219 -5.84 20.73 -20.30
N GLU B 220 -4.56 20.66 -19.94
CA GLU B 220 -4.08 20.18 -18.64
C GLU B 220 -4.97 20.76 -17.53
N GLY B 221 -5.07 22.09 -17.45
CA GLY B 221 -5.79 22.78 -16.35
C GLY B 221 -7.26 22.43 -16.29
N ASP B 222 -7.84 21.97 -17.41
CA ASP B 222 -9.25 21.50 -17.42
C ASP B 222 -9.45 20.36 -16.40
N LEU B 223 -8.42 19.59 -16.03
CA LEU B 223 -8.56 18.39 -15.15
C LEU B 223 -8.43 18.74 -13.66
N HIS B 224 -8.12 19.99 -13.33
CA HIS B 224 -7.90 20.43 -11.92
C HIS B 224 -9.23 20.56 -11.18
N ARG B 225 -10.28 20.86 -11.91
CA ARG B 225 -11.65 21.01 -11.38
C ARG B 225 -12.61 20.45 -12.43
N ILE B 226 -13.26 19.33 -12.13
CA ILE B 226 -14.22 18.68 -13.05
C ILE B 226 -15.61 18.72 -12.42
N GLU B 227 -16.50 19.50 -13.03
CA GLU B 227 -17.86 19.69 -12.51
C GLU B 227 -18.82 18.83 -13.31
N ILE B 228 -19.45 17.84 -12.66
CA ILE B 228 -20.39 16.89 -13.32
C ILE B 228 -21.76 17.11 -12.71
N PRO B 229 -22.60 17.99 -13.31
CA PRO B 229 -24.01 18.12 -12.95
C PRO B 229 -24.71 16.82 -13.37
N PHE B 230 -25.73 16.42 -12.62
CA PHE B 230 -26.52 15.23 -12.94
C PHE B 230 -27.98 15.51 -12.59
N LYS B 231 -28.85 14.89 -13.36
CA LYS B 231 -30.30 14.79 -13.10
C LYS B 231 -30.64 13.36 -13.49
N PHE B 232 -30.90 12.50 -12.51
CA PHE B 232 -31.25 11.09 -12.79
C PHE B 232 -32.76 10.96 -12.75
N HIS B 233 -33.29 10.30 -13.74
CA HIS B 233 -34.72 9.88 -13.79
C HIS B 233 -34.75 8.44 -13.24
N MET B 234 -35.33 8.26 -12.06
CA MET B 234 -35.21 7.01 -11.27
C MET B 234 -36.06 5.90 -11.90
N LEU B 235 -35.41 4.82 -12.35
CA LEU B 235 -36.06 3.61 -12.91
C LEU B 235 -36.67 2.78 -11.80
N HIS B 236 -36.16 2.87 -10.57
CA HIS B 236 -36.56 1.98 -9.45
C HIS B 236 -36.87 2.82 -8.20
N SER B 237 -37.81 2.33 -7.39
CA SER B 237 -38.16 2.90 -6.07
C SER B 237 -37.24 2.22 -5.03
N GLY B 238 -36.60 3.02 -4.17
CA GLY B 238 -35.77 2.52 -3.06
C GLY B 238 -34.96 3.61 -2.39
N LEU B 239 -34.08 3.20 -1.48
CA LEU B 239 -33.06 4.07 -0.85
C LEU B 239 -31.82 4.12 -1.73
N VAL B 240 -31.44 5.35 -2.10
CA VAL B 240 -30.20 5.65 -2.85
C VAL B 240 -29.07 5.84 -1.84
N HIS B 241 -28.05 4.98 -1.90
CA HIS B 241 -26.94 5.01 -0.92
C HIS B 241 -25.77 5.81 -1.47
N GLY B 242 -25.70 6.00 -2.78
CA GLY B 242 -24.58 6.76 -3.38
C GLY B 242 -24.58 6.76 -4.90
N LEU B 243 -23.43 7.15 -5.45
CA LEU B 243 -23.17 7.14 -6.92
C LEU B 243 -22.08 6.12 -7.21
N ALA B 244 -22.30 5.35 -8.28
CA ALA B 244 -21.31 4.40 -8.84
C ALA B 244 -20.65 5.08 -10.03
N PHE B 245 -19.35 4.86 -10.21
CA PHE B 245 -18.55 5.47 -11.30
C PHE B 245 -17.82 4.37 -12.05
N TRP B 246 -17.75 4.53 -13.36
CA TRP B 246 -16.90 3.74 -14.27
C TRP B 246 -16.52 4.62 -15.47
N PHE B 247 -15.75 4.08 -16.41
CA PHE B 247 -15.23 4.85 -17.57
C PHE B 247 -14.96 3.91 -18.73
N ASP B 248 -15.18 4.46 -19.93
CA ASP B 248 -14.74 3.87 -21.22
C ASP B 248 -13.73 4.83 -21.79
N VAL B 249 -12.81 4.35 -22.61
CA VAL B 249 -11.99 5.25 -23.45
C VAL B 249 -12.11 4.73 -24.88
N ALA B 250 -12.00 5.63 -25.86
CA ALA B 250 -12.09 5.24 -27.28
C ALA B 250 -10.82 5.74 -27.98
N PHE B 251 -10.25 4.85 -28.78
CA PHE B 251 -9.14 5.08 -29.74
C PHE B 251 -9.79 5.32 -31.10
N ILE B 252 -9.96 6.57 -31.46
CA ILE B 252 -10.66 6.99 -32.72
C ILE B 252 -9.57 7.10 -33.80
N GLY B 253 -9.32 6.00 -34.49
CA GLY B 253 -8.29 5.94 -35.55
C GLY B 253 -8.94 6.20 -36.90
N SER B 254 -8.12 6.32 -37.94
CA SER B 254 -8.58 6.55 -39.34
C SER B 254 -9.40 5.35 -39.82
N ILE B 255 -9.02 4.14 -39.41
CA ILE B 255 -9.69 2.89 -39.91
C ILE B 255 -10.89 2.60 -39.01
N MET B 256 -10.76 2.73 -37.69
CA MET B 256 -11.89 2.39 -36.81
C MET B 256 -11.66 2.91 -35.39
N THR B 257 -12.75 2.94 -34.64
CA THR B 257 -12.78 3.24 -33.19
C THR B 257 -12.75 1.93 -32.41
N VAL B 258 -11.77 1.80 -31.51
CA VAL B 258 -11.63 0.64 -30.57
C VAL B 258 -11.96 1.17 -29.17
N TRP B 259 -12.87 0.50 -28.45
CA TRP B 259 -13.27 0.88 -27.05
C TRP B 259 -12.54 -0.02 -26.04
N LEU B 260 -12.06 0.58 -24.96
CA LEU B 260 -11.75 -0.12 -23.68
C LEU B 260 -12.81 0.32 -22.65
N SER B 261 -13.71 -0.58 -22.26
CA SER B 261 -14.82 -0.30 -21.31
C SER B 261 -14.55 -0.93 -19.93
N THR B 262 -14.79 -0.20 -18.83
CA THR B 262 -14.68 -0.71 -17.43
C THR B 262 -16.07 -0.79 -16.82
N ALA B 263 -17.09 -0.74 -17.67
CA ALA B 263 -18.51 -0.71 -17.25
C ALA B 263 -18.86 -1.99 -16.49
N PRO B 264 -19.82 -1.91 -15.53
CA PRO B 264 -20.28 -3.12 -14.84
C PRO B 264 -20.99 -4.14 -15.75
N THR B 265 -21.28 -3.77 -17.01
CA THR B 265 -21.89 -4.67 -18.02
C THR B 265 -20.78 -5.40 -18.80
N GLU B 266 -19.52 -5.09 -18.54
CA GLU B 266 -18.37 -5.69 -19.25
C GLU B 266 -17.66 -6.59 -18.27
N PRO B 267 -16.92 -7.63 -18.77
CA PRO B 267 -16.11 -8.47 -17.91
C PRO B 267 -15.24 -7.58 -17.02
N LEU B 268 -15.12 -7.96 -15.76
CA LEU B 268 -14.46 -7.15 -14.72
C LEU B 268 -13.02 -6.84 -15.17
N THR B 269 -12.54 -5.62 -14.96
CA THR B 269 -11.14 -5.23 -15.22
C THR B 269 -10.46 -4.98 -13.88
N HIS B 270 -9.17 -4.69 -13.91
CA HIS B 270 -8.34 -4.23 -12.75
C HIS B 270 -8.66 -2.77 -12.36
N TRP B 271 -9.52 -2.08 -13.10
CA TRP B 271 -10.06 -0.76 -12.67
C TRP B 271 -11.30 -0.95 -11.79
N TYR B 272 -11.91 -2.13 -11.85
CA TYR B 272 -13.19 -2.42 -11.16
C TYR B 272 -14.19 -1.32 -11.48
N GLN B 273 -14.98 -0.90 -10.49
CA GLN B 273 -15.80 0.34 -10.50
C GLN B 273 -15.60 1.04 -9.16
N VAL B 274 -16.01 2.31 -9.03
CA VAL B 274 -15.80 3.08 -7.77
C VAL B 274 -17.19 3.51 -7.28
N ARG B 275 -17.44 3.33 -6.00
CA ARG B 275 -18.71 3.84 -5.42
C ARG B 275 -18.40 4.84 -4.30
N CYS B 276 -19.12 5.93 -4.32
CA CYS B 276 -19.06 7.00 -3.31
C CYS B 276 -20.39 6.99 -2.56
N LEU B 277 -20.38 6.68 -1.27
CA LEU B 277 -21.62 6.70 -0.45
C LEU B 277 -22.08 8.15 -0.17
N PHE B 278 -23.39 8.33 -0.03
CA PHE B 278 -23.98 9.49 0.70
C PHE B 278 -23.89 9.23 2.20
N GLN B 279 -23.74 10.33 2.95
CA GLN B 279 -23.77 10.40 4.45
C GLN B 279 -25.11 9.82 4.94
N SER B 280 -26.19 10.21 4.28
CA SER B 280 -27.58 9.75 4.52
C SER B 280 -28.21 9.37 3.18
N PRO B 281 -28.83 8.19 3.08
CA PRO B 281 -29.46 7.77 1.83
C PRO B 281 -30.75 8.56 1.58
N LEU B 282 -31.16 8.57 0.32
CA LEU B 282 -32.34 9.34 -0.14
C LEU B 282 -33.39 8.35 -0.66
N PHE B 283 -34.64 8.49 -0.20
CA PHE B 283 -35.75 7.67 -0.75
C PHE B 283 -36.16 8.30 -2.06
N ALA B 284 -36.13 7.55 -3.14
CA ALA B 284 -36.72 7.97 -4.42
C ALA B 284 -37.74 6.92 -4.84
N LYS B 285 -38.85 7.36 -5.41
CA LYS B 285 -39.81 6.45 -6.06
C LYS B 285 -39.45 6.46 -7.54
N ALA B 286 -39.72 5.37 -8.24
CA ALA B 286 -39.61 5.30 -9.72
C ALA B 286 -40.38 6.51 -10.29
N GLY B 287 -39.78 7.26 -11.21
CA GLY B 287 -40.35 8.48 -11.80
C GLY B 287 -39.83 9.75 -11.16
N ASP B 288 -39.36 9.69 -9.91
CA ASP B 288 -38.71 10.84 -9.24
C ASP B 288 -37.43 11.21 -10.00
N THR B 289 -36.91 12.42 -9.75
CA THR B 289 -35.63 12.92 -10.32
C THR B 289 -34.65 13.17 -9.16
N LEU B 290 -33.43 12.65 -9.29
CA LEU B 290 -32.34 12.90 -8.31
C LEU B 290 -31.33 13.83 -9.00
N SER B 291 -31.20 15.05 -8.49
CA SER B 291 -30.44 16.13 -9.13
C SER B 291 -29.31 16.54 -8.18
N GLY B 292 -28.20 17.01 -8.75
CA GLY B 292 -27.09 17.56 -7.98
C GLY B 292 -25.85 17.72 -8.82
N THR B 293 -24.72 17.80 -8.15
CA THR B 293 -23.40 18.02 -8.76
C THR B 293 -22.38 17.09 -8.10
N CYS B 294 -21.53 16.50 -8.92
CA CYS B 294 -20.28 15.82 -8.53
C CYS B 294 -19.11 16.75 -8.91
N LEU B 295 -18.34 17.24 -7.93
CA LEU B 295 -17.21 18.17 -8.20
C LEU B 295 -15.91 17.46 -7.83
N LEU B 296 -15.07 17.17 -8.84
CA LEU B 296 -13.75 16.56 -8.65
C LEU B 296 -12.72 17.68 -8.60
N ILE B 297 -12.00 17.80 -7.49
CA ILE B 297 -10.99 18.85 -7.26
C ILE B 297 -9.63 18.17 -7.08
N ALA B 298 -8.71 18.36 -8.03
CA ALA B 298 -7.35 17.79 -7.94
C ALA B 298 -6.76 18.19 -6.58
N ASN B 299 -6.14 17.25 -5.85
CA ASN B 299 -5.51 17.53 -4.53
C ASN B 299 -4.01 17.27 -4.61
N LYS B 300 -3.30 17.63 -3.55
CA LYS B 300 -1.82 17.56 -3.48
C LYS B 300 -1.35 16.12 -3.22
N ARG B 301 -2.22 15.11 -3.22
CA ARG B 301 -1.81 13.68 -3.06
C ARG B 301 -2.02 12.90 -4.37
N GLN B 302 -1.83 13.57 -5.52
CA GLN B 302 -2.00 13.01 -6.89
C GLN B 302 -3.37 12.30 -6.97
N SER B 303 -4.39 12.91 -6.38
CA SER B 303 -5.76 12.37 -6.45
C SER B 303 -6.76 13.53 -6.47
N TYR B 304 -7.99 13.23 -6.13
CA TYR B 304 -9.10 14.20 -6.13
C TYR B 304 -9.81 14.18 -4.78
N ASP B 305 -10.20 15.36 -4.31
CA ASP B 305 -11.35 15.58 -3.41
C ASP B 305 -12.62 15.50 -4.26
N ILE B 306 -13.58 14.70 -3.82
CA ILE B 306 -14.84 14.44 -4.53
C ILE B 306 -15.91 15.06 -3.63
N SER B 307 -16.62 16.07 -4.15
CA SER B 307 -17.72 16.76 -3.45
C SER B 307 -19.00 16.39 -4.19
N ILE B 308 -19.90 15.68 -3.51
CA ILE B 308 -21.22 15.32 -4.11
C ILE B 308 -22.34 15.97 -3.30
N VAL B 309 -23.28 16.59 -3.99
CA VAL B 309 -24.55 17.08 -3.37
C VAL B 309 -25.66 16.54 -4.25
N ALA B 310 -26.73 16.05 -3.64
CA ALA B 310 -27.82 15.40 -4.37
C ALA B 310 -29.12 15.62 -3.60
N GLN B 311 -30.23 15.74 -4.32
CA GLN B 311 -31.55 15.86 -3.68
C GLN B 311 -32.58 15.18 -4.56
N VAL B 312 -33.62 14.65 -3.92
CA VAL B 312 -34.84 14.15 -4.60
C VAL B 312 -35.73 15.37 -4.83
N ASP B 313 -35.84 15.79 -6.09
CA ASP B 313 -36.53 17.06 -6.47
C ASP B 313 -37.95 17.05 -5.87
N GLN B 314 -38.67 15.94 -6.00
CA GLN B 314 -40.10 15.84 -5.64
C GLN B 314 -40.32 15.96 -4.12
N THR B 315 -39.30 15.73 -3.27
CA THR B 315 -39.49 15.78 -1.79
C THR B 315 -38.61 16.85 -1.13
N GLY B 316 -37.58 17.35 -1.82
CA GLY B 316 -36.56 18.24 -1.25
C GLY B 316 -35.55 17.53 -0.34
N SER B 317 -35.64 16.20 -0.17
CA SER B 317 -34.68 15.42 0.66
C SER B 317 -33.30 15.53 0.03
N LYS B 318 -32.31 15.84 0.85
CA LYS B 318 -30.97 16.28 0.38
C LYS B 318 -29.90 15.50 1.15
N SER B 319 -28.81 15.15 0.47
CA SER B 319 -27.62 14.54 1.10
C SER B 319 -26.37 15.06 0.42
N SER B 320 -25.23 14.75 1.03
CA SER B 320 -23.94 15.15 0.48
C SER B 320 -22.85 14.19 0.97
N ASN B 321 -21.70 14.25 0.34
CA ASN B 321 -20.48 13.62 0.88
C ASN B 321 -19.27 14.35 0.30
N LEU B 322 -18.17 14.28 1.04
CA LEU B 322 -16.81 14.70 0.65
C LEU B 322 -15.89 13.49 0.78
N LEU B 323 -15.34 13.01 -0.34
CA LEU B 323 -14.47 11.80 -0.35
C LEU B 323 -13.08 12.16 -0.87
N ASP B 324 -12.06 11.43 -0.39
CA ASP B 324 -10.68 11.57 -0.90
C ASP B 324 -10.32 10.25 -1.58
N LEU B 325 -10.14 10.33 -2.90
CA LEU B 325 -9.85 9.17 -3.77
C LEU B 325 -8.42 8.67 -3.52
N LYS B 326 -7.68 9.33 -2.61
CA LYS B 326 -6.30 8.90 -2.23
C LYS B 326 -6.36 7.73 -1.23
N ASN B 327 -7.45 7.57 -0.46
CA ASN B 327 -7.63 6.48 0.54
C ASN B 327 -8.83 5.61 0.16
N PRO B 328 -8.80 4.93 -1.01
CA PRO B 328 -9.92 4.10 -1.43
C PRO B 328 -9.95 2.80 -0.60
N PHE B 329 -11.14 2.29 -0.33
CA PHE B 329 -11.34 0.97 0.30
C PHE B 329 -11.50 -0.09 -0.79
N PHE B 330 -10.49 -0.97 -0.92
CA PHE B 330 -10.49 -2.14 -1.83
C PHE B 330 -11.28 -3.22 -1.12
N ARG B 331 -12.55 -3.34 -1.51
CA ARG B 331 -13.56 -4.20 -0.86
C ARG B 331 -13.73 -5.52 -1.65
N TYR B 332 -13.18 -5.61 -2.86
CA TYR B 332 -13.32 -6.81 -3.73
C TYR B 332 -12.73 -8.05 -3.05
#